data_4ONY
#
_entry.id   4ONY
#
_cell.length_a   64.560
_cell.length_b   124.320
_cell.length_c   172.190
_cell.angle_alpha   90.00
_cell.angle_beta   90.00
_cell.angle_gamma   90.00
#
_symmetry.space_group_name_H-M   'P 21 21 21'
#
loop_
_entity.id
_entity.type
_entity.pdbx_description
1 polymer 'Extracellular solute-binding protein family 5'
2 non-polymer 'CHLORIDE ION'
3 non-polymer 1-ETHOXY-2-(2-ETHOXYETHOXY)ETHANE
4 non-polymer GLYCEROL
5 water water
#
_entity_poly.entity_id   1
_entity_poly.type   'polypeptide(L)'
_entity_poly.pdbx_seq_one_letter_code
;MAHHHHHHAANETAPDYALSMHGDVALPADYTHFPYTNPDAPKKGSLTVGVVGTFDSLNPFVLKSMRTTARGLYNDGEFG
NMVYQTLMLRSRDEPFTLYSLLAEKVAIDPERKWVEFTLNPKAKWSDGQPVTVDDVLFTYDILTEKGRPPYNSRMSRVAK
IEKTGERSVRFTFNEKSDREFPMLIAGSMPVLPKHAINRDTFGNSTLEPPIGSGPYVVASVQPGQRIVYKRNPDYWGKDL
PSQRGFNNFDKISIEYYRNETSLFESFKKGILDIFIEGNPIRWEKLYDFPAVEQGKVIKDTFEKGTPADMLGFVFNTRRP
IFADRRVRQALGLLFDFEWANSNLFAGQYRRTQSFWEGSQLSSVGRPADARERELLAPFPGAVREDVMNGTWHPPVTDGS
GHDRVPAKKAYDLLSQAGFQFKDGMAIDPTAKPFAFEIMTRSPDEEKIALAYQRNLSRLGIAVEIHTVDDAQYQQRLQTF
DYDMILGALASSLSPGNEQWLRWGSASRDVQGSFNFAGVADPAVDAMIEALLAARNRADFVSAVRALDRVLISGDYYVPL
YHLPYQWVARWDRIEHPQKTPLSGYQLPAWWHTSQ
;
_entity_poly.pdbx_strand_id   A,B
#
# COMPACT_ATOMS: atom_id res chain seq x y z
N GLU A 12 -9.15 24.86 -6.80
CA GLU A 12 -7.79 24.77 -7.44
C GLU A 12 -7.03 23.52 -6.97
N THR A 13 -7.24 23.16 -5.72
CA THR A 13 -6.54 22.01 -5.15
C THR A 13 -7.27 20.71 -5.46
N ALA A 14 -8.52 20.78 -5.95
CA ALA A 14 -9.36 19.58 -6.11
C ALA A 14 -9.14 18.90 -7.46
N PRO A 15 -8.91 17.60 -7.47
CA PRO A 15 -8.74 16.94 -8.78
C PRO A 15 -10.08 16.87 -9.52
N ASP A 16 -10.04 16.83 -10.85
CA ASP A 16 -11.27 16.73 -11.63
C ASP A 16 -11.65 15.29 -12.01
N TYR A 17 -10.84 14.33 -11.65
CA TYR A 17 -10.95 12.96 -12.11
C TYR A 17 -11.13 12.00 -10.93
N ALA A 18 -11.25 12.54 -9.73
CA ALA A 18 -11.35 11.70 -8.54
C ALA A 18 -12.01 12.46 -7.42
N LEU A 19 -12.60 11.73 -6.51
CA LEU A 19 -13.19 12.31 -5.31
C LEU A 19 -12.88 11.40 -4.10
N SER A 20 -12.13 11.94 -3.13
CA SER A 20 -11.71 11.19 -1.96
C SER A 20 -12.30 11.80 -0.73
N MET A 21 -12.79 10.94 0.14
CA MET A 21 -13.49 11.38 1.35
C MET A 21 -12.62 12.32 2.18
N HIS A 22 -11.37 11.92 2.41
CA HIS A 22 -10.40 12.71 3.17
C HIS A 22 -9.25 13.33 2.36
N GLY A 23 -9.42 13.42 1.04
CA GLY A 23 -8.48 14.19 0.21
C GLY A 23 -7.34 13.36 -0.33
N ASP A 24 -7.15 12.14 0.18
CA ASP A 24 -6.03 11.28 -0.28
C ASP A 24 -6.39 10.55 -1.61
N VAL A 25 -5.67 10.86 -2.68
CA VAL A 25 -5.91 10.28 -4.00
C VAL A 25 -4.63 9.63 -4.46
N ALA A 26 -4.63 8.30 -4.50
CA ALA A 26 -3.44 7.55 -4.82
C ALA A 26 -3.02 7.65 -6.30
N LEU A 27 -3.98 7.77 -7.22
CA LEU A 27 -3.64 7.68 -8.65
C LEU A 27 -3.55 9.04 -9.25
N PRO A 28 -2.56 9.28 -10.12
CA PRO A 28 -2.50 10.52 -10.84
C PRO A 28 -3.47 10.51 -11.99
N ALA A 29 -3.72 11.68 -12.58
CA ALA A 29 -4.80 11.81 -13.56
C ALA A 29 -4.58 10.94 -14.79
N ASP A 30 -3.32 10.63 -15.11
CA ASP A 30 -2.99 9.87 -16.34
C ASP A 30 -2.84 8.36 -16.08
N TYR A 31 -3.36 7.85 -14.95
CA TYR A 31 -3.25 6.40 -14.69
C TYR A 31 -3.86 5.64 -15.90
N THR A 32 -3.30 4.48 -16.21
CA THR A 32 -3.87 3.68 -17.33
C THR A 32 -4.82 2.58 -16.90
N HIS A 33 -4.79 2.24 -15.62
CA HIS A 33 -5.70 1.25 -15.07
C HIS A 33 -5.61 1.32 -13.53
N PHE A 34 -6.60 0.76 -12.84
CA PHE A 34 -6.48 0.56 -11.39
C PHE A 34 -5.31 -0.40 -11.18
N PRO A 35 -4.52 -0.17 -10.11
CA PRO A 35 -3.27 -0.87 -9.96
C PRO A 35 -3.41 -2.37 -9.63
N TYR A 36 -4.62 -2.84 -9.35
CA TYR A 36 -4.83 -4.26 -9.08
C TYR A 36 -5.48 -5.09 -10.21
N THR A 37 -5.49 -4.56 -11.44
CA THR A 37 -5.91 -5.29 -12.58
C THR A 37 -4.75 -5.62 -13.51
N ASN A 38 -5.00 -6.62 -14.34
CA ASN A 38 -4.08 -7.00 -15.39
C ASN A 38 -4.54 -6.24 -16.61
N PRO A 39 -3.76 -5.27 -17.06
CA PRO A 39 -4.23 -4.47 -18.19
C PRO A 39 -4.41 -5.26 -19.51
N ASP A 40 -3.88 -6.47 -19.61
CA ASP A 40 -4.02 -7.26 -20.83
C ASP A 40 -4.71 -8.61 -20.56
N ALA A 41 -5.71 -8.59 -19.70
CA ALA A 41 -6.41 -9.81 -19.32
C ALA A 41 -7.15 -10.38 -20.52
N PRO A 42 -7.11 -11.69 -20.71
CA PRO A 42 -7.90 -12.35 -21.73
C PRO A 42 -9.38 -12.07 -21.52
N LYS A 43 -10.12 -12.02 -22.62
CA LYS A 43 -11.48 -11.55 -22.64
C LYS A 43 -12.52 -12.63 -23.01
N LYS A 44 -12.11 -13.88 -23.15
CA LYS A 44 -13.03 -14.93 -23.57
C LYS A 44 -13.28 -15.91 -22.41
N GLY A 45 -14.52 -16.37 -22.25
CA GLY A 45 -14.82 -17.50 -21.36
C GLY A 45 -15.67 -17.04 -20.22
N SER A 46 -16.23 -17.99 -19.48
CA SER A 46 -17.27 -17.69 -18.53
C SER A 46 -16.87 -17.97 -17.09
N LEU A 47 -17.68 -17.45 -16.17
CA LEU A 47 -17.54 -17.69 -14.75
C LEU A 47 -18.91 -18.11 -14.23
N THR A 48 -18.97 -19.18 -13.46
CA THR A 48 -20.19 -19.65 -12.84
C THR A 48 -19.96 -19.73 -11.34
N VAL A 49 -20.79 -19.02 -10.56
CA VAL A 49 -20.62 -18.99 -9.11
C VAL A 49 -21.92 -19.36 -8.47
N GLY A 50 -21.86 -19.83 -7.23
CA GLY A 50 -23.04 -20.21 -6.46
C GLY A 50 -23.28 -19.27 -5.29
N VAL A 51 -24.55 -19.09 -4.93
CA VAL A 51 -24.94 -18.39 -3.69
C VAL A 51 -26.06 -19.17 -3.02
N VAL A 52 -26.14 -19.07 -1.69
CA VAL A 52 -27.21 -19.69 -0.93
C VAL A 52 -28.34 -18.72 -0.87
N GLY A 53 -29.53 -19.13 -1.33
CA GLY A 53 -30.70 -18.27 -1.21
C GLY A 53 -31.62 -18.43 -2.43
N THR A 54 -32.37 -17.38 -2.74
CA THR A 54 -33.31 -17.37 -3.85
C THR A 54 -33.52 -15.93 -4.37
N PHE A 55 -34.22 -15.80 -5.50
CA PHE A 55 -34.60 -14.53 -6.00
C PHE A 55 -35.81 -14.69 -6.85
N ASP A 56 -36.60 -13.64 -6.97
CA ASP A 56 -37.74 -13.62 -7.87
C ASP A 56 -38.00 -12.25 -8.51
N SER A 57 -37.06 -11.32 -8.45
CA SER A 57 -37.30 -10.01 -9.00
C SER A 57 -35.99 -9.32 -9.36
N LEU A 58 -36.06 -8.29 -10.20
CA LEU A 58 -34.89 -7.66 -10.77
C LEU A 58 -34.81 -6.14 -10.60
N ASN A 59 -35.38 -5.62 -9.52
CA ASN A 59 -35.31 -4.19 -9.21
C ASN A 59 -34.73 -3.99 -7.83
N PRO A 60 -33.46 -3.60 -7.77
CA PRO A 60 -32.80 -3.50 -6.48
C PRO A 60 -33.11 -2.20 -5.76
N PHE A 61 -33.98 -1.35 -6.29
CA PHE A 61 -34.14 -0.01 -5.72
C PHE A 61 -35.46 0.29 -5.02
N VAL A 62 -36.30 -0.74 -4.84
CA VAL A 62 -37.69 -0.57 -4.35
C VAL A 62 -38.02 -1.56 -3.25
N LEU A 63 -39.07 -1.26 -2.47
CA LEU A 63 -39.45 -2.11 -1.35
C LEU A 63 -39.86 -3.50 -1.78
N LYS A 64 -40.69 -3.61 -2.81
CA LYS A 64 -41.23 -4.92 -3.20
C LYS A 64 -40.11 -5.87 -3.64
N SER A 65 -40.07 -7.06 -3.04
CA SER A 65 -39.07 -8.09 -3.33
C SER A 65 -37.64 -7.67 -3.01
N MET A 66 -37.47 -6.72 -2.11
CA MET A 66 -36.14 -6.24 -1.82
C MET A 66 -35.22 -7.33 -1.23
N ARG A 67 -35.81 -8.36 -0.60
CA ARG A 67 -35.02 -9.44 -0.03
C ARG A 67 -34.87 -10.64 -0.98
N THR A 68 -35.49 -10.56 -2.16
CA THR A 68 -35.40 -11.63 -3.11
C THR A 68 -35.09 -11.06 -4.49
N THR A 69 -34.18 -10.09 -4.52
CA THR A 69 -33.70 -9.52 -5.76
C THR A 69 -32.41 -10.19 -6.21
N ALA A 70 -32.28 -10.43 -7.51
CA ALA A 70 -31.14 -11.12 -8.04
C ALA A 70 -29.84 -10.39 -7.72
N ARG A 71 -28.80 -11.17 -7.49
CA ARG A 71 -27.46 -10.66 -7.30
C ARG A 71 -26.92 -10.15 -8.64
N GLY A 72 -26.00 -9.21 -8.54
CA GLY A 72 -25.18 -8.80 -9.67
C GLY A 72 -25.66 -7.49 -10.34
N LEU A 73 -26.84 -7.00 -9.99
CA LEU A 73 -27.40 -5.87 -10.70
C LEU A 73 -26.76 -4.55 -10.24
N TYR A 74 -26.66 -4.40 -8.94
CA TYR A 74 -26.24 -3.17 -8.31
C TYR A 74 -25.80 -3.47 -6.86
N ASN A 75 -24.76 -2.83 -6.41
CA ASN A 75 -24.28 -2.98 -5.00
C ASN A 75 -23.99 -4.41 -4.58
N ASP A 76 -23.37 -5.17 -5.45
CA ASP A 76 -23.14 -6.55 -5.16
C ASP A 76 -21.75 -6.69 -4.50
N GLY A 77 -21.69 -7.40 -3.37
CA GLY A 77 -20.46 -7.61 -2.60
C GLY A 77 -19.32 -8.27 -3.35
N GLU A 78 -19.62 -9.25 -4.19
CA GLU A 78 -18.58 -9.96 -4.92
C GLU A 78 -18.41 -9.39 -6.30
N PHE A 79 -19.50 -8.96 -6.97
CA PHE A 79 -19.44 -8.49 -8.39
C PHE A 79 -19.63 -7.01 -8.68
N GLY A 80 -19.96 -6.20 -7.68
CA GLY A 80 -20.10 -4.76 -7.88
C GLY A 80 -21.34 -4.42 -8.71
N ASN A 81 -21.21 -3.39 -9.56
CA ASN A 81 -22.35 -2.90 -10.30
C ASN A 81 -22.29 -3.31 -11.78
N MET A 82 -22.83 -4.48 -12.10
CA MET A 82 -22.76 -4.99 -13.46
C MET A 82 -23.78 -4.44 -14.48
N VAL A 83 -24.95 -4.02 -14.00
CA VAL A 83 -25.99 -3.47 -14.87
C VAL A 83 -26.19 -1.98 -14.63
N TYR A 84 -26.48 -1.61 -13.38
CA TYR A 84 -26.67 -0.24 -13.03
C TYR A 84 -25.36 0.37 -12.52
N GLN A 85 -24.97 1.50 -13.08
CA GLN A 85 -23.73 2.16 -12.71
C GLN A 85 -23.97 3.43 -11.95
N THR A 86 -22.91 3.85 -11.29
CA THR A 86 -22.89 5.08 -10.52
C THR A 86 -22.11 6.16 -11.30
N LEU A 87 -22.15 7.39 -10.81
CA LEU A 87 -21.43 8.45 -11.48
C LEU A 87 -19.94 8.21 -11.42
N MET A 88 -19.48 7.71 -10.28
CA MET A 88 -18.02 7.47 -10.07
C MET A 88 -17.82 6.12 -9.43
N LEU A 89 -16.66 5.53 -9.68
CA LEU A 89 -16.37 4.17 -9.29
C LEU A 89 -15.37 4.10 -8.14
N ARG A 90 -15.72 3.34 -7.13
CA ARG A 90 -14.85 3.20 -5.98
C ARG A 90 -13.60 2.36 -6.29
N SER A 91 -12.39 2.86 -6.03
CA SER A 91 -11.22 1.99 -6.06
C SER A 91 -11.19 1.08 -4.84
N ARG A 92 -10.86 -0.18 -5.03
CA ARG A 92 -10.77 -1.11 -3.91
C ARG A 92 -9.34 -1.25 -3.35
N ASP A 93 -8.46 -0.32 -3.74
CA ASP A 93 -7.13 -0.25 -3.19
C ASP A 93 -6.90 0.96 -2.33
N GLU A 94 -7.93 1.73 -2.05
CA GLU A 94 -7.83 2.91 -1.20
C GLU A 94 -8.95 2.92 -0.16
N PRO A 95 -8.76 3.63 0.96
CA PRO A 95 -9.83 3.65 1.96
C PRO A 95 -11.21 4.13 1.43
N PHE A 96 -11.23 5.28 0.77
CA PHE A 96 -12.48 5.82 0.24
C PHE A 96 -12.18 6.88 -0.83
N THR A 97 -11.85 6.40 -2.02
CA THR A 97 -11.63 7.24 -3.19
C THR A 97 -12.43 6.71 -4.39
N LEU A 98 -13.08 7.63 -5.08
CA LEU A 98 -13.84 7.37 -6.30
C LEU A 98 -13.15 7.94 -7.52
N TYR A 99 -13.22 7.25 -8.65
CA TYR A 99 -12.66 7.71 -9.93
C TYR A 99 -13.78 7.78 -10.97
N SER A 100 -13.48 8.38 -12.12
CA SER A 100 -14.45 8.64 -13.18
C SER A 100 -15.17 7.35 -13.67
N LEU A 101 -16.47 7.43 -13.87
CA LEU A 101 -17.22 6.34 -14.57
C LEU A 101 -18.23 7.05 -15.47
N LEU A 102 -19.52 7.05 -15.12
CA LEU A 102 -20.47 7.80 -15.97
C LEU A 102 -20.13 9.30 -16.01
N ALA A 103 -19.70 9.83 -14.87
CA ALA A 103 -19.17 11.18 -14.81
C ALA A 103 -17.69 11.17 -15.21
N GLU A 104 -17.37 11.86 -16.28
CA GLU A 104 -15.99 11.94 -16.74
C GLU A 104 -15.19 12.90 -15.86
N LYS A 105 -15.84 13.95 -15.38
CA LYS A 105 -15.24 14.97 -14.57
C LYS A 105 -16.13 15.35 -13.39
N VAL A 106 -15.50 15.79 -12.33
CA VAL A 106 -16.15 16.21 -11.13
C VAL A 106 -15.52 17.51 -10.66
N ALA A 107 -16.35 18.43 -10.22
CA ALA A 107 -15.90 19.62 -9.48
C ALA A 107 -16.69 19.71 -8.20
N ILE A 108 -16.07 20.24 -7.15
CA ILE A 108 -16.70 20.22 -5.83
C ILE A 108 -16.26 21.42 -4.99
N ASP A 109 -17.17 21.92 -4.18
CA ASP A 109 -16.93 22.98 -3.20
C ASP A 109 -15.96 22.50 -2.13
N PRO A 110 -14.93 23.28 -1.79
CA PRO A 110 -14.08 22.91 -0.63
C PRO A 110 -14.89 22.58 0.63
N GLU A 111 -15.94 23.34 0.89
CA GLU A 111 -16.81 23.11 2.05
C GLU A 111 -17.92 22.10 1.75
N ARG A 112 -17.93 21.51 0.55
CA ARG A 112 -18.88 20.47 0.16
C ARG A 112 -20.37 20.85 0.22
N LYS A 113 -20.67 22.11 -0.11
CA LYS A 113 -22.06 22.57 -0.24
C LYS A 113 -22.65 22.31 -1.62
N TRP A 114 -21.80 22.00 -2.60
CA TRP A 114 -22.28 21.56 -3.93
C TRP A 114 -21.28 20.63 -4.58
N VAL A 115 -21.75 19.82 -5.53
CA VAL A 115 -20.88 19.00 -6.36
C VAL A 115 -21.44 19.02 -7.77
N GLU A 116 -20.57 19.04 -8.76
CA GLU A 116 -20.98 19.10 -10.14
C GLU A 116 -20.25 18.03 -10.97
N PHE A 117 -21.00 17.29 -11.78
CA PHE A 117 -20.50 16.17 -12.58
C PHE A 117 -20.71 16.49 -14.02
N THR A 118 -19.74 16.13 -14.84
CA THR A 118 -19.89 16.25 -16.26
C THR A 118 -19.81 14.84 -16.82
N LEU A 119 -20.88 14.43 -17.50
CA LEU A 119 -21.00 13.09 -18.04
C LEU A 119 -20.07 12.89 -19.24
N ASN A 120 -19.60 11.67 -19.38
CA ASN A 120 -18.79 11.27 -20.50
C ASN A 120 -19.66 11.23 -21.77
N PRO A 121 -19.24 11.91 -22.83
CA PRO A 121 -20.14 11.93 -24.01
C PRO A 121 -20.33 10.57 -24.69
N LYS A 122 -19.47 9.60 -24.42
CA LYS A 122 -19.66 8.25 -24.95
C LYS A 122 -20.65 7.38 -24.16
N ALA A 123 -21.13 7.85 -23.01
CA ALA A 123 -21.92 6.98 -22.14
C ALA A 123 -23.24 6.58 -22.82
N LYS A 124 -23.52 5.28 -22.87
CA LYS A 124 -24.73 4.73 -23.48
C LYS A 124 -25.33 3.60 -22.64
N TRP A 125 -26.65 3.57 -22.63
CA TRP A 125 -27.46 2.43 -22.21
C TRP A 125 -27.13 1.23 -23.10
N SER A 126 -27.40 0.03 -22.60
CA SER A 126 -27.06 -1.20 -23.34
C SER A 126 -27.88 -1.34 -24.61
N ASP A 127 -29.00 -0.61 -24.72
CA ASP A 127 -29.75 -0.56 -25.98
C ASP A 127 -29.22 0.52 -26.96
N GLY A 128 -28.11 1.17 -26.65
CA GLY A 128 -27.52 2.14 -27.56
C GLY A 128 -27.98 3.58 -27.37
N GLN A 129 -29.01 3.82 -26.57
CA GLN A 129 -29.42 5.20 -26.28
C GLN A 129 -28.41 5.91 -25.37
N PRO A 130 -28.32 7.26 -25.48
CA PRO A 130 -27.34 8.01 -24.69
C PRO A 130 -27.73 8.12 -23.22
N VAL A 131 -26.74 8.06 -22.34
CA VAL A 131 -26.94 8.46 -20.95
C VAL A 131 -26.81 9.98 -20.83
N THR A 132 -27.83 10.64 -20.31
CA THR A 132 -27.94 12.10 -20.33
C THR A 132 -28.18 12.68 -18.96
N VAL A 133 -28.07 14.01 -18.89
CA VAL A 133 -28.39 14.73 -17.66
C VAL A 133 -29.85 14.54 -17.31
N ASP A 134 -30.70 14.47 -18.33
N ASP A 134 -30.71 14.48 -18.33
CA ASP A 134 -32.09 14.20 -18.10
CA ASP A 134 -32.11 14.19 -18.11
C ASP A 134 -32.31 12.84 -17.38
C ASP A 134 -32.31 12.84 -17.38
N ASP A 135 -31.53 11.81 -17.73
CA ASP A 135 -31.59 10.52 -16.96
C ASP A 135 -31.25 10.70 -15.49
N VAL A 136 -30.24 11.54 -15.20
CA VAL A 136 -29.85 11.80 -13.80
C VAL A 136 -30.99 12.48 -13.07
N LEU A 137 -31.58 13.50 -13.68
CA LEU A 137 -32.66 14.22 -13.02
C LEU A 137 -33.82 13.29 -12.76
N PHE A 138 -34.16 12.51 -13.79
CA PHE A 138 -35.23 11.54 -13.67
C PHE A 138 -34.96 10.58 -12.52
N THR A 139 -33.73 10.13 -12.42
CA THR A 139 -33.31 9.17 -11.38
C THR A 139 -33.62 9.66 -9.98
N TYR A 140 -33.26 10.90 -9.67
CA TYR A 140 -33.50 11.44 -8.30
C TYR A 140 -35.00 11.68 -8.06
N ASP A 141 -35.69 12.09 -9.12
CA ASP A 141 -37.17 12.22 -9.06
C ASP A 141 -37.83 10.85 -8.70
N ILE A 142 -37.62 9.83 -9.55
CA ILE A 142 -38.33 8.58 -9.35
C ILE A 142 -37.91 7.80 -8.10
N LEU A 143 -36.64 7.83 -7.72
CA LEU A 143 -36.18 7.13 -6.54
C LEU A 143 -36.64 7.79 -5.25
N THR A 144 -36.74 9.11 -5.24
CA THR A 144 -37.32 9.81 -4.15
C THR A 144 -38.81 9.45 -3.98
N GLU A 145 -39.55 9.42 -5.08
CA GLU A 145 -41.00 9.13 -5.00
C GLU A 145 -41.27 7.62 -4.70
N LYS A 146 -40.51 6.74 -5.34
CA LYS A 146 -40.86 5.31 -5.37
C LYS A 146 -39.80 4.34 -4.91
N GLY A 147 -38.59 4.84 -4.62
CA GLY A 147 -37.55 4.00 -4.12
C GLY A 147 -37.67 3.64 -2.64
N ARG A 148 -36.95 2.57 -2.25
CA ARG A 148 -36.80 2.23 -0.85
C ARG A 148 -35.64 3.00 -0.23
N PRO A 149 -35.64 3.14 1.10
CA PRO A 149 -34.41 3.56 1.78
C PRO A 149 -33.23 2.68 1.37
N PRO A 150 -32.03 3.27 1.18
CA PRO A 150 -31.71 4.67 1.40
C PRO A 150 -31.91 5.51 0.16
N TYR A 151 -32.24 4.86 -0.96
CA TYR A 151 -32.28 5.54 -2.23
C TYR A 151 -33.31 6.68 -2.25
N ASN A 152 -34.35 6.61 -1.43
CA ASN A 152 -35.36 7.67 -1.41
C ASN A 152 -35.03 8.78 -0.41
N SER A 153 -33.90 8.68 0.28
CA SER A 153 -33.60 9.68 1.30
C SER A 153 -32.62 10.77 0.83
N ARG A 154 -32.07 10.69 -0.38
CA ARG A 154 -30.99 11.62 -0.79
C ARG A 154 -31.48 13.06 -0.93
N MET A 155 -32.67 13.23 -1.52
CA MET A 155 -33.18 14.55 -1.81
C MET A 155 -33.51 15.40 -0.57
N SER A 156 -33.77 14.78 0.58
CA SER A 156 -33.95 15.54 1.84
C SER A 156 -32.71 16.36 2.22
N ARG A 157 -31.56 15.99 1.64
CA ARG A 157 -30.31 16.75 1.78
C ARG A 157 -29.97 17.69 0.63
N VAL A 158 -30.80 17.71 -0.40
CA VAL A 158 -30.46 18.44 -1.62
C VAL A 158 -31.34 19.67 -1.75
N ALA A 159 -30.73 20.85 -1.83
CA ALA A 159 -31.51 22.07 -2.06
C ALA A 159 -31.97 22.18 -3.49
N LYS A 160 -31.09 21.87 -4.43
CA LYS A 160 -31.38 22.03 -5.84
C LYS A 160 -30.56 21.01 -6.62
N ILE A 161 -31.16 20.49 -7.68
CA ILE A 161 -30.47 19.67 -8.65
C ILE A 161 -30.73 20.31 -10.01
N GLU A 162 -29.69 20.70 -10.72
CA GLU A 162 -29.90 21.42 -11.99
C GLU A 162 -28.89 21.08 -13.05
N LYS A 163 -29.38 21.13 -14.28
CA LYS A 163 -28.57 21.00 -15.46
C LYS A 163 -27.83 22.30 -15.63
N THR A 164 -26.52 22.25 -15.80
CA THR A 164 -25.67 23.46 -15.93
C THR A 164 -24.93 23.53 -17.25
N GLY A 165 -25.08 22.54 -18.11
CA GLY A 165 -24.42 22.55 -19.44
C GLY A 165 -24.97 21.38 -20.22
N GLU A 166 -24.48 21.15 -21.42
CA GLU A 166 -25.04 20.10 -22.25
C GLU A 166 -25.01 18.76 -21.53
N ARG A 167 -23.92 18.49 -20.80
CA ARG A 167 -23.71 17.23 -20.15
C ARG A 167 -23.37 17.39 -18.66
N SER A 168 -23.67 18.54 -18.07
CA SER A 168 -23.30 18.82 -16.66
C SER A 168 -24.50 18.96 -15.72
N VAL A 169 -24.34 18.41 -14.53
CA VAL A 169 -25.38 18.47 -13.52
C VAL A 169 -24.80 18.83 -12.17
N ARG A 170 -25.42 19.77 -11.50
CA ARG A 170 -24.95 20.24 -10.20
C ARG A 170 -25.95 19.96 -9.09
N PHE A 171 -25.48 19.39 -7.98
CA PHE A 171 -26.28 19.17 -6.76
C PHE A 171 -25.84 20.22 -5.75
N THR A 172 -26.77 21.04 -5.29
CA THR A 172 -26.49 21.98 -4.19
C THR A 172 -27.16 21.47 -2.93
N PHE A 173 -26.40 21.36 -1.84
CA PHE A 173 -26.86 20.74 -0.63
C PHE A 173 -27.40 21.74 0.37
N ASN A 174 -28.23 21.24 1.28
CA ASN A 174 -28.80 22.05 2.35
C ASN A 174 -28.11 21.73 3.65
N GLU A 175 -28.56 22.37 4.70
CA GLU A 175 -27.88 22.29 5.99
C GLU A 175 -27.95 20.89 6.64
N LYS A 176 -28.84 20.02 6.19
CA LYS A 176 -28.82 18.66 6.70
C LYS A 176 -27.65 17.81 6.13
N SER A 177 -26.94 18.30 5.13
CA SER A 177 -25.89 17.54 4.48
C SER A 177 -24.64 17.50 5.38
N ASP A 178 -23.72 16.59 5.10
CA ASP A 178 -22.43 16.54 5.78
C ASP A 178 -21.34 16.25 4.73
N ARG A 179 -20.11 16.19 5.17
CA ARG A 179 -19.00 16.07 4.27
C ARG A 179 -18.96 14.74 3.54
N GLU A 180 -19.51 13.67 4.13
CA GLU A 180 -19.64 12.40 3.42
C GLU A 180 -20.72 12.40 2.32
N PHE A 181 -21.75 13.23 2.44
CA PHE A 181 -22.91 13.13 1.54
C PHE A 181 -22.60 13.19 0.04
N PRO A 182 -21.72 14.09 -0.40
CA PRO A 182 -21.41 14.07 -1.82
C PRO A 182 -20.81 12.77 -2.29
N MET A 183 -20.06 12.08 -1.42
CA MET A 183 -19.59 10.75 -1.74
C MET A 183 -20.74 9.78 -2.09
N LEU A 184 -21.89 9.96 -1.45
CA LEU A 184 -23.02 9.03 -1.61
C LEU A 184 -23.75 9.33 -2.92
N ILE A 185 -23.80 10.61 -3.30
CA ILE A 185 -24.34 11.01 -4.59
C ILE A 185 -23.47 10.40 -5.72
N ALA A 186 -22.16 10.51 -5.54
CA ALA A 186 -21.19 10.07 -6.57
C ALA A 186 -21.09 8.56 -6.70
N GLY A 187 -21.12 7.86 -5.57
CA GLY A 187 -20.88 6.40 -5.54
C GLY A 187 -21.96 5.51 -4.95
N SER A 188 -23.04 6.06 -4.40
CA SER A 188 -24.07 5.20 -3.81
C SER A 188 -25.46 5.52 -4.33
N MET A 189 -25.52 5.94 -5.59
CA MET A 189 -26.79 6.06 -6.29
C MET A 189 -26.56 5.60 -7.72
N PRO A 190 -27.53 4.91 -8.29
CA PRO A 190 -27.45 4.58 -9.70
C PRO A 190 -27.77 5.75 -10.60
N VAL A 191 -27.58 5.53 -11.91
CA VAL A 191 -28.25 6.31 -12.90
C VAL A 191 -29.17 5.34 -13.65
N LEU A 192 -30.44 5.75 -13.77
CA LEU A 192 -31.53 4.99 -14.37
C LEU A 192 -31.96 5.60 -15.73
N PRO A 193 -32.41 4.76 -16.67
CA PRO A 193 -32.81 5.20 -18.01
C PRO A 193 -34.27 5.68 -18.11
N LYS A 194 -34.47 7.00 -18.20
CA LYS A 194 -35.80 7.57 -18.34
C LYS A 194 -36.55 6.93 -19.50
N HIS A 195 -35.88 6.72 -20.62
CA HIS A 195 -36.56 6.24 -21.82
C HIS A 195 -37.02 4.80 -21.68
N ALA A 196 -36.41 4.03 -20.81
CA ALA A 196 -36.71 2.60 -20.73
C ALA A 196 -37.58 2.18 -19.54
N ILE A 197 -37.95 3.10 -18.67
CA ILE A 197 -38.68 2.74 -17.47
C ILE A 197 -40.14 3.23 -17.59
N ASN A 198 -41.06 2.34 -17.33
CA ASN A 198 -42.49 2.71 -17.18
C ASN A 198 -42.67 3.11 -15.75
N ARG A 199 -42.90 4.38 -15.55
CA ARG A 199 -43.01 4.93 -14.23
C ARG A 199 -44.13 4.34 -13.40
N ASP A 200 -45.24 4.04 -14.05
CA ASP A 200 -46.41 3.51 -13.35
C ASP A 200 -46.08 2.13 -12.81
N THR A 201 -45.31 1.33 -13.53
CA THR A 201 -44.98 0.00 -12.99
C THR A 201 -43.68 -0.10 -12.22
N PHE A 202 -42.85 0.94 -12.22
CA PHE A 202 -41.61 0.92 -11.45
C PHE A 202 -41.99 0.77 -9.99
N GLY A 203 -41.41 -0.24 -9.36
CA GLY A 203 -41.88 -0.60 -8.03
C GLY A 203 -42.39 -2.02 -7.98
N ASN A 204 -42.94 -2.51 -9.09
CA ASN A 204 -43.50 -3.86 -9.15
C ASN A 204 -42.37 -4.88 -9.02
N SER A 205 -42.69 -6.09 -8.53
CA SER A 205 -41.84 -7.26 -8.73
C SER A 205 -41.77 -7.50 -10.22
N THR A 206 -40.59 -7.82 -10.71
CA THR A 206 -40.40 -7.94 -12.12
C THR A 206 -39.30 -8.89 -12.48
N LEU A 207 -39.57 -9.70 -13.51
CA LEU A 207 -38.57 -10.55 -14.12
C LEU A 207 -38.22 -10.16 -15.56
N GLU A 208 -38.61 -8.96 -15.98
CA GLU A 208 -38.21 -8.44 -17.32
C GLU A 208 -36.78 -7.95 -17.25
N PRO A 209 -35.93 -8.38 -18.19
CA PRO A 209 -34.54 -7.95 -18.10
C PRO A 209 -34.42 -6.43 -18.13
N PRO A 210 -33.81 -5.82 -17.08
CA PRO A 210 -33.82 -4.36 -17.05
C PRO A 210 -32.67 -3.77 -17.87
N ILE A 211 -32.83 -2.53 -18.32
CA ILE A 211 -31.79 -1.88 -19.10
C ILE A 211 -30.91 -1.05 -18.18
N GLY A 212 -29.58 -1.26 -18.26
CA GLY A 212 -28.63 -0.41 -17.55
C GLY A 212 -27.54 0.04 -18.47
N SER A 213 -26.56 0.80 -17.94
CA SER A 213 -25.40 1.25 -18.72
C SER A 213 -24.18 0.35 -18.51
N GLY A 214 -24.30 -0.63 -17.62
CA GLY A 214 -23.19 -1.48 -17.30
C GLY A 214 -22.76 -2.45 -18.40
N PRO A 215 -21.61 -3.11 -18.19
CA PRO A 215 -20.99 -4.01 -19.16
C PRO A 215 -21.71 -5.32 -19.44
N TYR A 216 -22.58 -5.75 -18.53
CA TYR A 216 -23.30 -7.01 -18.68
C TYR A 216 -24.79 -6.79 -18.82
N VAL A 217 -25.43 -7.53 -19.73
CA VAL A 217 -26.87 -7.52 -19.83
C VAL A 217 -27.42 -8.82 -19.25
N VAL A 218 -28.67 -8.76 -18.81
CA VAL A 218 -29.33 -9.93 -18.28
C VAL A 218 -29.84 -10.75 -19.45
N ALA A 219 -29.20 -11.90 -19.70
CA ALA A 219 -29.51 -12.75 -20.84
C ALA A 219 -30.59 -13.77 -20.53
N SER A 220 -30.67 -14.27 -19.31
CA SER A 220 -31.75 -15.17 -18.94
C SER A 220 -31.92 -15.23 -17.45
N VAL A 221 -33.14 -15.59 -17.09
CA VAL A 221 -33.59 -15.56 -15.74
C VAL A 221 -34.42 -16.80 -15.46
N GLN A 222 -33.99 -17.60 -14.48
CA GLN A 222 -34.74 -18.78 -13.99
C GLN A 222 -34.91 -18.54 -12.48
N PRO A 223 -36.05 -17.97 -12.11
CA PRO A 223 -36.29 -17.52 -10.74
C PRO A 223 -36.10 -18.65 -9.73
N GLY A 224 -35.40 -18.39 -8.64
CA GLY A 224 -35.07 -19.36 -7.63
C GLY A 224 -33.92 -20.26 -8.00
N GLN A 225 -33.33 -20.07 -9.19
CA GLN A 225 -32.35 -21.01 -9.74
C GLN A 225 -31.07 -20.38 -10.32
N ARG A 226 -31.20 -19.40 -11.20
CA ARG A 226 -30.08 -18.91 -11.97
C ARG A 226 -30.39 -17.62 -12.70
N ILE A 227 -29.43 -16.70 -12.66
CA ILE A 227 -29.42 -15.51 -13.52
C ILE A 227 -28.12 -15.54 -14.38
N VAL A 228 -28.24 -15.35 -15.68
CA VAL A 228 -27.09 -15.40 -16.60
C VAL A 228 -26.88 -13.97 -17.14
N TYR A 229 -25.67 -13.47 -16.95
CA TYR A 229 -25.24 -12.22 -17.51
C TYR A 229 -24.34 -12.48 -18.74
N LYS A 230 -24.56 -11.72 -19.80
CA LYS A 230 -23.70 -11.72 -20.96
C LYS A 230 -23.07 -10.33 -21.14
N ARG A 231 -21.79 -10.29 -21.49
CA ARG A 231 -21.11 -9.02 -21.72
C ARG A 231 -21.60 -8.36 -22.97
N ASN A 232 -21.88 -7.07 -22.91
CA ASN A 232 -22.27 -6.34 -24.11
C ASN A 232 -21.02 -5.98 -24.87
N PRO A 233 -20.82 -6.50 -26.10
CA PRO A 233 -19.57 -6.14 -26.77
C PRO A 233 -19.44 -4.67 -27.09
N ASP A 234 -20.54 -3.93 -27.12
CA ASP A 234 -20.51 -2.50 -27.38
C ASP A 234 -20.55 -1.65 -26.11
N TYR A 235 -20.26 -2.26 -24.96
CA TYR A 235 -20.22 -1.54 -23.67
C TYR A 235 -19.46 -0.20 -23.84
N TRP A 236 -20.11 0.88 -23.52
CA TRP A 236 -19.61 2.22 -23.74
C TRP A 236 -18.29 2.51 -22.99
N GLY A 237 -18.10 1.86 -21.83
CA GLY A 237 -16.99 2.17 -20.94
C GLY A 237 -15.75 1.33 -21.13
N LYS A 238 -15.75 0.51 -22.16
CA LYS A 238 -14.70 -0.50 -22.32
C LYS A 238 -13.30 0.09 -22.34
N ASP A 239 -13.11 1.33 -22.78
CA ASP A 239 -11.76 1.89 -22.90
C ASP A 239 -11.40 2.88 -21.79
N LEU A 240 -12.25 3.03 -20.79
CA LEU A 240 -11.86 3.89 -19.70
C LEU A 240 -10.70 3.28 -18.88
N PRO A 241 -9.75 4.14 -18.48
CA PRO A 241 -8.74 3.67 -17.58
C PRO A 241 -9.33 3.05 -16.31
N SER A 242 -10.46 3.56 -15.83
CA SER A 242 -11.13 2.97 -14.67
C SER A 242 -11.84 1.62 -14.96
N GLN A 243 -11.85 1.17 -16.20
CA GLN A 243 -12.42 -0.15 -16.53
C GLN A 243 -11.40 -1.11 -17.14
N ARG A 244 -10.17 -0.66 -17.28
CA ARG A 244 -9.17 -1.47 -17.91
C ARG A 244 -8.77 -2.69 -17.02
N GLY A 245 -8.82 -3.90 -17.59
CA GLY A 245 -8.66 -5.18 -16.86
C GLY A 245 -9.83 -5.66 -15.99
N PHE A 246 -11.00 -5.04 -16.13
CA PHE A 246 -12.22 -5.52 -15.52
C PHE A 246 -13.13 -6.09 -16.62
N ASN A 247 -14.17 -6.78 -16.21
CA ASN A 247 -15.19 -7.29 -17.12
C ASN A 247 -14.62 -8.25 -18.13
N ASN A 248 -13.78 -9.15 -17.64
CA ASN A 248 -13.03 -10.02 -18.51
C ASN A 248 -13.84 -11.25 -18.97
N PHE A 249 -14.73 -11.73 -18.13
CA PHE A 249 -15.57 -12.86 -18.50
C PHE A 249 -16.59 -12.38 -19.52
N ASP A 250 -16.80 -13.15 -20.57
CA ASP A 250 -17.85 -12.80 -21.52
C ASP A 250 -19.24 -13.22 -21.05
N LYS A 251 -19.29 -14.04 -20.00
CA LYS A 251 -20.53 -14.53 -19.44
C LYS A 251 -20.33 -14.83 -17.97
N ILE A 252 -21.29 -14.44 -17.14
CA ILE A 252 -21.25 -14.73 -15.69
C ILE A 252 -22.61 -15.27 -15.29
N SER A 253 -22.64 -16.49 -14.76
CA SER A 253 -23.88 -17.13 -14.26
C SER A 253 -23.79 -17.23 -12.77
N ILE A 254 -24.85 -16.76 -12.11
CA ILE A 254 -25.01 -16.89 -10.67
C ILE A 254 -26.14 -17.90 -10.41
N GLU A 255 -25.76 -19.04 -9.84
CA GLU A 255 -26.66 -20.13 -9.49
C GLU A 255 -27.01 -20.12 -8.03
N TYR A 256 -28.25 -20.50 -7.74
CA TYR A 256 -28.78 -20.43 -6.42
C TYR A 256 -28.95 -21.83 -5.83
N TYR A 257 -28.49 -22.02 -4.59
CA TYR A 257 -28.50 -23.30 -3.91
C TYR A 257 -29.25 -23.19 -2.57
N ARG A 258 -29.81 -24.30 -2.09
CA ARG A 258 -30.60 -24.24 -0.87
C ARG A 258 -29.73 -24.22 0.37
N ASN A 259 -28.47 -24.66 0.29
CA ASN A 259 -27.57 -24.66 1.44
C ASN A 259 -26.13 -24.77 0.95
N GLU A 260 -25.19 -24.61 1.87
CA GLU A 260 -23.79 -24.62 1.50
C GLU A 260 -23.24 -25.97 1.05
N THR A 261 -23.80 -27.07 1.57
CA THR A 261 -23.33 -28.38 1.23
C THR A 261 -23.63 -28.69 -0.26
N SER A 262 -24.87 -28.36 -0.67
CA SER A 262 -25.31 -28.50 -2.05
C SER A 262 -24.41 -27.67 -2.98
N LEU A 263 -24.10 -26.46 -2.54
CA LEU A 263 -23.26 -25.54 -3.29
C LEU A 263 -21.83 -26.14 -3.42
N PHE A 264 -21.26 -26.58 -2.30
CA PHE A 264 -19.95 -27.17 -2.25
C PHE A 264 -19.84 -28.41 -3.16
N GLU A 265 -20.84 -29.28 -3.13
CA GLU A 265 -20.85 -30.45 -4.01
C GLU A 265 -20.83 -30.05 -5.49
N SER A 266 -21.57 -29.00 -5.82
CA SER A 266 -21.63 -28.55 -7.21
C SER A 266 -20.25 -27.94 -7.63
N PHE A 267 -19.54 -27.27 -6.70
CA PHE A 267 -18.16 -26.85 -6.91
C PHE A 267 -17.25 -28.07 -7.17
N LYS A 268 -17.38 -29.11 -6.34
CA LYS A 268 -16.54 -30.30 -6.50
C LYS A 268 -16.77 -31.00 -7.83
N LYS A 269 -18.00 -30.95 -8.37
CA LYS A 269 -18.31 -31.58 -9.66
C LYS A 269 -17.85 -30.69 -10.84
N GLY A 270 -17.39 -29.46 -10.59
CA GLY A 270 -16.91 -28.61 -11.68
C GLY A 270 -18.00 -27.76 -12.31
N ILE A 271 -19.17 -27.76 -11.72
CA ILE A 271 -20.28 -26.92 -12.20
C ILE A 271 -20.07 -25.48 -11.81
N LEU A 272 -19.56 -25.25 -10.59
CA LEU A 272 -19.18 -23.93 -10.17
C LEU A 272 -17.67 -23.80 -10.31
N ASP A 273 -17.20 -22.63 -10.72
CA ASP A 273 -15.76 -22.42 -10.99
C ASP A 273 -14.94 -22.06 -9.72
N ILE A 274 -15.59 -21.51 -8.71
CA ILE A 274 -14.92 -21.09 -7.48
C ILE A 274 -15.81 -21.39 -6.29
N PHE A 275 -15.22 -21.37 -5.11
CA PHE A 275 -15.94 -21.52 -3.87
C PHE A 275 -15.32 -20.64 -2.83
N ILE A 276 -16.10 -19.67 -2.36
CA ILE A 276 -15.57 -18.67 -1.40
C ILE A 276 -15.79 -19.30 -0.01
N GLU A 277 -14.71 -19.57 0.73
CA GLU A 277 -14.80 -20.36 1.95
C GLU A 277 -14.67 -19.52 3.25
N GLY A 278 -15.66 -19.64 4.12
CA GLY A 278 -15.60 -19.07 5.47
C GLY A 278 -15.57 -20.06 6.64
N ASN A 279 -15.68 -21.34 6.34
CA ASN A 279 -15.77 -22.34 7.36
C ASN A 279 -14.42 -23.04 7.56
N PRO A 280 -13.79 -22.87 8.74
CA PRO A 280 -12.44 -23.33 8.94
C PRO A 280 -12.30 -24.83 9.01
N ILE A 281 -13.33 -25.52 9.49
CA ILE A 281 -13.31 -26.97 9.56
C ILE A 281 -13.37 -27.53 8.13
N ARG A 282 -14.25 -27.00 7.31
CA ARG A 282 -14.34 -27.44 5.91
C ARG A 282 -13.04 -27.19 5.16
N TRP A 283 -12.48 -25.99 5.30
CA TRP A 283 -11.22 -25.67 4.64
C TRP A 283 -10.11 -26.66 5.03
N GLU A 284 -10.06 -27.01 6.31
CA GLU A 284 -9.00 -27.85 6.85
C GLU A 284 -9.20 -29.30 6.46
N LYS A 285 -10.44 -29.77 6.44
CA LYS A 285 -10.75 -31.21 6.33
C LYS A 285 -11.23 -31.68 4.96
N LEU A 286 -12.03 -30.86 4.28
CA LEU A 286 -12.85 -31.38 3.18
C LEU A 286 -12.36 -31.07 1.79
N TYR A 287 -11.13 -30.55 1.67
CA TYR A 287 -10.56 -30.31 0.36
C TYR A 287 -9.52 -31.39 0.05
N ASP A 288 -9.81 -32.60 0.51
CA ASP A 288 -9.00 -33.78 0.25
C ASP A 288 -9.54 -34.58 -0.96
N PHE A 289 -10.17 -33.95 -1.92
CA PHE A 289 -10.71 -34.65 -3.10
C PHE A 289 -9.71 -34.54 -4.25
N PRO A 290 -9.80 -35.45 -5.24
CA PRO A 290 -8.70 -35.66 -6.19
C PRO A 290 -8.27 -34.45 -6.95
N ALA A 291 -9.23 -33.63 -7.39
CA ALA A 291 -8.91 -32.44 -8.17
C ALA A 291 -7.92 -31.54 -7.43
N VAL A 292 -8.06 -31.45 -6.09
CA VAL A 292 -7.17 -30.60 -5.30
C VAL A 292 -5.80 -31.23 -5.33
N GLU A 293 -5.74 -32.55 -5.12
CA GLU A 293 -4.48 -33.28 -5.12
C GLU A 293 -3.82 -33.25 -6.50
N GLN A 294 -4.61 -33.21 -7.56
CA GLN A 294 -4.04 -33.12 -8.91
C GLN A 294 -3.67 -31.72 -9.29
N GLY A 295 -3.98 -30.74 -8.45
CA GLY A 295 -3.73 -29.34 -8.81
C GLY A 295 -4.71 -28.72 -9.79
N LYS A 296 -5.81 -29.41 -10.08
CA LYS A 296 -6.85 -28.84 -10.91
C LYS A 296 -7.71 -27.81 -10.17
N VAL A 297 -7.89 -28.03 -8.87
CA VAL A 297 -8.47 -27.06 -7.93
C VAL A 297 -7.33 -26.54 -7.07
N ILE A 298 -7.24 -25.21 -6.99
CA ILE A 298 -6.26 -24.53 -6.21
C ILE A 298 -6.95 -23.87 -5.04
N LYS A 299 -6.43 -24.10 -3.84
CA LYS A 299 -6.86 -23.37 -2.64
C LYS A 299 -6.10 -22.06 -2.51
N ASP A 300 -6.68 -20.94 -2.95
CA ASP A 300 -5.99 -19.67 -2.91
C ASP A 300 -6.23 -18.99 -1.55
N THR A 301 -5.25 -18.23 -1.10
CA THR A 301 -5.43 -17.37 0.02
C THR A 301 -4.97 -15.94 -0.27
N PHE A 302 -5.64 -14.99 0.39
CA PHE A 302 -5.38 -13.58 0.21
C PHE A 302 -5.38 -12.85 1.55
N GLU A 303 -4.74 -11.69 1.62
CA GLU A 303 -4.83 -10.87 2.79
C GLU A 303 -5.41 -9.57 2.39
N LYS A 304 -5.97 -8.89 3.34
CA LYS A 304 -6.59 -7.61 3.07
C LYS A 304 -6.25 -6.67 4.21
N GLY A 305 -6.30 -5.38 3.92
CA GLY A 305 -6.06 -4.37 4.89
C GLY A 305 -7.32 -3.63 5.36
N THR A 306 -8.49 -3.96 4.81
CA THR A 306 -9.74 -3.58 5.44
C THR A 306 -9.90 -4.43 6.74
N PRO A 307 -10.55 -3.88 7.75
CA PRO A 307 -10.62 -4.60 9.03
C PRO A 307 -11.45 -5.89 8.98
N ALA A 308 -11.15 -6.76 9.93
CA ALA A 308 -11.93 -7.97 10.12
C ALA A 308 -13.11 -7.60 11.03
N ASP A 309 -14.31 -8.07 10.71
CA ASP A 309 -15.49 -7.75 11.48
C ASP A 309 -15.29 -8.24 12.93
N MET A 310 -15.71 -7.44 13.89
CA MET A 310 -15.75 -7.90 15.29
C MET A 310 -16.76 -9.04 15.49
N LEU A 311 -16.34 -10.06 16.23
CA LEU A 311 -17.19 -11.02 16.87
C LEU A 311 -16.73 -11.04 18.34
N GLY A 312 -17.66 -10.90 19.27
CA GLY A 312 -17.33 -10.93 20.68
C GLY A 312 -18.49 -11.27 21.56
N PHE A 313 -18.20 -11.62 22.83
CA PHE A 313 -19.26 -11.66 23.82
C PHE A 313 -19.51 -10.23 24.23
N VAL A 314 -20.77 -9.86 24.35
CA VAL A 314 -21.18 -8.52 24.68
C VAL A 314 -21.78 -8.46 26.06
N PHE A 315 -21.24 -7.61 26.92
CA PHE A 315 -21.79 -7.39 28.24
C PHE A 315 -22.92 -6.35 28.15
N ASN A 316 -24.11 -6.67 28.64
CA ASN A 316 -25.13 -5.63 28.82
C ASN A 316 -24.87 -4.80 30.08
N THR A 317 -24.20 -3.66 29.89
CA THR A 317 -23.77 -2.81 31.00
C THR A 317 -24.96 -2.18 31.72
N ARG A 318 -26.15 -2.23 31.12
CA ARG A 318 -27.35 -1.78 31.83
C ARG A 318 -27.67 -2.67 33.05
N ARG A 319 -27.26 -3.93 33.02
CA ARG A 319 -27.58 -4.81 34.13
C ARG A 319 -26.57 -4.56 35.26
N PRO A 320 -27.04 -4.42 36.52
CA PRO A 320 -26.08 -4.11 37.57
C PRO A 320 -24.88 -5.10 37.65
N ILE A 321 -25.11 -6.37 37.38
CA ILE A 321 -24.01 -7.34 37.41
C ILE A 321 -22.82 -6.92 36.57
N PHE A 322 -23.06 -6.12 35.51
CA PHE A 322 -22.01 -5.78 34.55
C PHE A 322 -21.78 -4.26 34.44
N ALA A 323 -22.24 -3.50 35.42
CA ALA A 323 -22.07 -2.06 35.37
C ALA A 323 -20.63 -1.58 35.63
N ASP A 324 -19.84 -2.41 36.28
CA ASP A 324 -18.52 -2.01 36.75
C ASP A 324 -17.54 -2.48 35.72
N ARG A 325 -16.81 -1.55 35.12
CA ARG A 325 -15.86 -1.96 34.11
C ARG A 325 -14.74 -2.85 34.59
N ARG A 326 -14.41 -2.76 35.88
CA ARG A 326 -13.40 -3.64 36.45
C ARG A 326 -13.87 -5.10 36.44
N VAL A 327 -15.16 -5.31 36.69
CA VAL A 327 -15.74 -6.65 36.61
C VAL A 327 -15.71 -7.18 35.16
N ARG A 328 -16.12 -6.34 34.22
CA ARG A 328 -16.05 -6.71 32.80
C ARG A 328 -14.61 -7.04 32.39
N GLN A 329 -13.67 -6.24 32.84
CA GLN A 329 -12.25 -6.48 32.54
C GLN A 329 -11.80 -7.86 33.05
N ALA A 330 -12.09 -8.17 34.32
CA ALA A 330 -11.79 -9.48 34.89
C ALA A 330 -12.39 -10.63 34.08
N LEU A 331 -13.68 -10.52 33.77
CA LEU A 331 -14.36 -11.64 33.09
C LEU A 331 -13.84 -11.87 31.67
N GLY A 332 -13.50 -10.78 30.99
CA GLY A 332 -12.81 -10.83 29.70
C GLY A 332 -11.51 -11.62 29.74
N LEU A 333 -10.77 -11.59 30.84
CA LEU A 333 -9.48 -12.28 30.88
C LEU A 333 -9.65 -13.80 30.85
N LEU A 334 -10.85 -14.28 31.20
CA LEU A 334 -11.06 -15.72 31.40
C LEU A 334 -11.36 -16.54 30.14
N PHE A 335 -11.69 -15.88 29.03
CA PHE A 335 -11.89 -16.60 27.81
C PHE A 335 -10.53 -17.19 27.30
N ASP A 336 -10.47 -18.50 27.11
CA ASP A 336 -9.25 -19.18 26.66
C ASP A 336 -9.32 -19.41 25.17
N PHE A 337 -8.83 -18.43 24.41
CA PHE A 337 -8.87 -18.53 22.98
C PHE A 337 -7.98 -19.67 22.47
N GLU A 338 -6.81 -19.83 23.06
CA GLU A 338 -5.84 -20.77 22.53
C GLU A 338 -6.37 -22.20 22.66
N TRP A 339 -7.03 -22.49 23.75
CA TRP A 339 -7.71 -23.79 23.87
C TRP A 339 -8.77 -23.96 22.77
N ALA A 340 -9.61 -22.95 22.59
CA ALA A 340 -10.71 -23.05 21.65
C ALA A 340 -10.20 -23.20 20.22
N ASN A 341 -9.15 -22.45 19.90
CA ASN A 341 -8.67 -22.48 18.53
C ASN A 341 -8.18 -23.90 18.24
N SER A 342 -7.40 -24.41 19.17
CA SER A 342 -6.74 -25.68 18.99
C SER A 342 -7.74 -26.83 18.93
N ASN A 343 -8.72 -26.82 19.83
CA ASN A 343 -9.64 -27.94 20.02
C ASN A 343 -10.91 -27.89 19.24
N LEU A 344 -11.39 -26.71 18.88
CA LEU A 344 -12.66 -26.56 18.17
C LEU A 344 -12.50 -26.13 16.70
N PHE A 345 -11.42 -25.39 16.38
CA PHE A 345 -11.30 -24.68 15.11
C PHE A 345 -10.02 -25.02 14.31
N ALA A 346 -9.39 -26.13 14.65
CA ALA A 346 -8.23 -26.66 13.93
C ALA A 346 -7.13 -25.61 13.76
N GLY A 347 -7.02 -24.68 14.73
CA GLY A 347 -5.99 -23.68 14.71
C GLY A 347 -6.14 -22.60 13.65
N GLN A 348 -7.28 -22.51 13.00
CA GLN A 348 -7.39 -21.61 11.82
C GLN A 348 -7.64 -20.16 12.12
N TYR A 349 -8.16 -19.89 13.32
CA TYR A 349 -8.47 -18.52 13.66
C TYR A 349 -7.28 -17.78 14.29
N ARG A 350 -7.40 -16.46 14.31
CA ARG A 350 -6.51 -15.59 15.01
C ARG A 350 -7.34 -14.75 15.93
N ARG A 351 -6.74 -14.40 17.07
CA ARG A 351 -7.45 -13.65 18.09
C ARG A 351 -7.76 -12.23 17.59
N THR A 352 -8.97 -11.77 17.82
CA THR A 352 -9.34 -10.40 17.50
C THR A 352 -9.04 -9.56 18.74
N GLN A 353 -8.43 -8.42 18.53
CA GLN A 353 -8.07 -7.53 19.64
C GLN A 353 -8.69 -6.09 19.53
N SER A 354 -8.91 -5.59 18.32
CA SER A 354 -9.35 -4.22 18.06
C SER A 354 -10.71 -4.24 17.36
N PHE A 355 -11.44 -3.15 17.51
CA PHE A 355 -12.66 -2.94 16.73
C PHE A 355 -12.36 -2.55 15.28
N TRP A 356 -11.09 -2.34 14.92
CA TRP A 356 -10.69 -2.18 13.52
C TRP A 356 -9.55 -3.17 13.24
N GLU A 357 -9.70 -4.37 13.76
CA GLU A 357 -8.73 -5.45 13.66
C GLU A 357 -8.15 -5.64 12.26
N GLY A 358 -6.84 -5.70 12.22
CA GLY A 358 -6.09 -6.00 11.01
C GLY A 358 -5.90 -4.82 10.09
N SER A 359 -6.36 -3.63 10.49
CA SER A 359 -6.24 -2.46 9.64
C SER A 359 -5.35 -1.40 10.28
N GLN A 360 -5.04 -0.37 9.51
CA GLN A 360 -4.36 0.79 10.04
C GLN A 360 -5.15 1.54 11.12
N LEU A 361 -6.48 1.36 11.18
CA LEU A 361 -7.31 2.01 12.18
C LEU A 361 -7.25 1.36 13.56
N SER A 362 -6.66 0.17 13.68
CA SER A 362 -6.48 -0.47 14.96
C SER A 362 -5.48 0.28 15.82
N SER A 363 -5.81 0.47 17.10
CA SER A 363 -4.90 1.10 18.05
C SER A 363 -3.90 0.14 18.69
N VAL A 364 -4.13 -1.15 18.51
CA VAL A 364 -3.39 -2.18 19.27
C VAL A 364 -1.90 -2.23 18.86
N GLY A 365 -1.00 -2.21 19.85
CA GLY A 365 0.44 -2.28 19.60
C GLY A 365 1.00 -0.96 19.07
N ARG A 366 0.22 0.10 19.18
CA ARG A 366 0.67 1.46 18.79
C ARG A 366 0.53 2.41 19.97
N PRO A 367 1.64 3.04 20.39
CA PRO A 367 1.44 4.14 21.34
C PRO A 367 0.57 5.28 20.78
N ALA A 368 -0.25 5.88 21.63
CA ALA A 368 -1.12 6.98 21.23
C ALA A 368 -0.25 8.13 20.65
N ASP A 369 -0.60 8.67 19.47
CA ASP A 369 0.13 9.79 18.88
C ASP A 369 -0.31 11.13 19.50
N ALA A 370 0.33 12.22 19.08
CA ALA A 370 0.09 13.52 19.70
C ALA A 370 -1.36 13.97 19.55
N ARG A 371 -1.94 13.73 18.39
CA ARG A 371 -3.35 14.08 18.19
C ARG A 371 -4.29 13.26 19.10
N GLU A 372 -4.09 11.96 19.21
CA GLU A 372 -4.90 11.13 20.12
C GLU A 372 -4.80 11.63 21.57
N ARG A 373 -3.60 11.92 22.02
CA ARG A 373 -3.40 12.39 23.39
C ARG A 373 -4.08 13.73 23.63
N GLU A 374 -4.03 14.61 22.63
CA GLU A 374 -4.78 15.89 22.66
C GLU A 374 -6.28 15.64 22.78
N LEU A 375 -6.80 14.72 21.98
CA LEU A 375 -8.22 14.40 21.96
C LEU A 375 -8.70 13.80 23.30
N LEU A 376 -7.85 12.96 23.89
CA LEU A 376 -8.22 12.21 25.04
C LEU A 376 -7.92 12.93 26.37
N ALA A 377 -7.13 13.99 26.36
CA ALA A 377 -6.74 14.68 27.60
C ALA A 377 -7.94 15.15 28.45
N PRO A 378 -9.04 15.57 27.83
CA PRO A 378 -10.17 15.96 28.65
C PRO A 378 -10.92 14.78 29.32
N PHE A 379 -10.51 13.53 29.06
CA PHE A 379 -11.23 12.39 29.55
C PHE A 379 -10.27 11.50 30.29
N PRO A 380 -9.74 11.95 31.43
N PRO A 380 -9.82 11.96 31.47
CA PRO A 380 -8.57 11.28 32.01
CA PRO A 380 -9.00 11.13 32.28
C PRO A 380 -8.72 9.79 32.39
C PRO A 380 -9.78 9.89 32.64
N GLY A 381 -9.93 9.34 32.69
N GLY A 381 -9.08 8.77 32.55
CA GLY A 381 -10.10 7.93 33.06
CA GLY A 381 -9.60 7.50 32.95
C GLY A 381 -10.42 6.95 31.94
C GLY A 381 -10.33 6.80 31.85
N ALA A 382 -10.59 7.48 30.74
CA ALA A 382 -11.27 6.80 29.63
C ALA A 382 -10.45 5.70 28.96
N VAL A 383 -9.12 5.82 29.01
CA VAL A 383 -8.24 4.88 28.41
C VAL A 383 -7.23 4.36 29.44
N ARG A 384 -7.09 3.05 29.48
CA ARG A 384 -6.23 2.39 30.43
C ARG A 384 -4.79 2.64 29.95
N GLU A 385 -3.87 2.79 30.89
CA GLU A 385 -2.50 3.02 30.57
C GLU A 385 -1.92 2.02 29.54
N ASP A 386 -2.16 0.72 29.73
CA ASP A 386 -1.62 -0.28 28.76
C ASP A 386 -2.19 -0.09 27.35
N VAL A 387 -3.45 0.31 27.28
CA VAL A 387 -4.08 0.54 25.97
C VAL A 387 -3.50 1.83 25.34
N MET A 388 -3.27 2.84 26.15
CA MET A 388 -2.77 4.11 25.67
C MET A 388 -1.34 3.96 25.15
N ASN A 389 -0.52 3.13 25.81
CA ASN A 389 0.89 2.95 25.41
CA ASN A 389 0.87 2.96 25.40
C ASN A 389 1.12 1.84 24.38
N GLY A 390 0.06 1.15 23.99
CA GLY A 390 0.18 0.10 22.97
C GLY A 390 0.83 -1.19 23.47
N THR A 391 0.72 -1.46 24.77
CA THR A 391 1.23 -2.71 25.33
C THR A 391 0.13 -3.69 25.69
N TRP A 392 -1.13 -3.28 25.59
CA TRP A 392 -2.27 -4.15 25.88
C TRP A 392 -2.52 -5.20 24.78
N HIS A 393 -2.73 -6.44 25.20
CA HIS A 393 -3.30 -7.49 24.38
C HIS A 393 -4.15 -8.39 25.29
N PRO A 394 -5.18 -9.02 24.72
CA PRO A 394 -5.86 -10.01 25.48
C PRO A 394 -4.86 -11.10 25.91
N PRO A 395 -5.12 -11.79 27.03
CA PRO A 395 -4.28 -12.91 27.44
C PRO A 395 -4.07 -13.98 26.37
N VAL A 396 -2.84 -14.48 26.29
CA VAL A 396 -2.51 -15.66 25.50
C VAL A 396 -2.22 -16.76 26.52
N THR A 397 -3.02 -17.82 26.53
CA THR A 397 -2.82 -18.90 27.51
C THR A 397 -1.88 -19.96 26.98
N ASP A 398 -1.63 -20.97 27.79
CA ASP A 398 -0.88 -22.13 27.39
C ASP A 398 -1.74 -23.11 26.58
N GLY A 399 -2.99 -22.80 26.28
CA GLY A 399 -3.81 -23.70 25.47
C GLY A 399 -4.45 -24.83 26.24
N SER A 400 -4.21 -24.87 27.55
CA SER A 400 -4.69 -25.98 28.36
C SER A 400 -6.18 -25.92 28.62
N GLY A 401 -6.80 -24.75 28.63
CA GLY A 401 -8.19 -24.66 29.11
C GLY A 401 -8.35 -24.38 30.61
N HIS A 402 -7.22 -24.38 31.34
CA HIS A 402 -7.19 -24.07 32.79
C HIS A 402 -5.90 -23.39 33.17
N ASP A 403 -5.57 -22.31 32.50
CA ASP A 403 -4.32 -21.61 32.77
C ASP A 403 -4.50 -20.72 34.01
N ARG A 404 -3.65 -20.89 35.01
CA ARG A 404 -3.76 -20.20 36.29
C ARG A 404 -3.40 -18.71 36.17
N VAL A 405 -2.65 -18.31 35.14
CA VAL A 405 -2.21 -16.94 35.06
C VAL A 405 -3.37 -15.90 34.84
N PRO A 406 -4.16 -16.03 33.76
CA PRO A 406 -5.23 -15.04 33.63
C PRO A 406 -6.23 -15.17 34.74
N ALA A 407 -6.39 -16.36 35.29
CA ALA A 407 -7.35 -16.55 36.38
C ALA A 407 -6.96 -15.80 37.68
N LYS A 408 -5.68 -15.74 37.98
CA LYS A 408 -5.21 -15.01 39.15
C LYS A 408 -5.45 -13.50 38.92
N LYS A 409 -5.21 -13.01 37.69
CA LYS A 409 -5.42 -11.58 37.41
C LYS A 409 -6.92 -11.25 37.57
N ALA A 410 -7.77 -12.15 37.11
CA ALA A 410 -9.20 -11.99 37.21
C ALA A 410 -9.65 -11.94 38.67
N TYR A 411 -9.16 -12.91 39.43
CA TYR A 411 -9.45 -13.00 40.85
C TYR A 411 -9.07 -11.72 41.60
N ASP A 412 -7.88 -11.19 41.33
CA ASP A 412 -7.43 -9.96 41.94
CA ASP A 412 -7.45 -9.93 41.94
C ASP A 412 -8.32 -8.74 41.55
N LEU A 413 -8.62 -8.60 40.25
CA LEU A 413 -9.53 -7.51 39.80
C LEU A 413 -10.92 -7.57 40.45
N LEU A 414 -11.52 -8.74 40.51
CA LEU A 414 -12.85 -8.88 41.10
C LEU A 414 -12.79 -8.54 42.59
N SER A 415 -11.72 -8.95 43.29
CA SER A 415 -11.53 -8.58 44.70
C SER A 415 -11.42 -7.06 44.89
N GLN A 416 -10.65 -6.39 44.03
CA GLN A 416 -10.59 -4.91 44.05
C GLN A 416 -11.96 -4.27 43.81
N ALA A 417 -12.81 -4.95 43.04
CA ALA A 417 -14.18 -4.49 42.78
C ALA A 417 -15.24 -4.93 43.76
N GLY A 418 -14.85 -5.54 44.85
CA GLY A 418 -15.75 -5.79 45.97
C GLY A 418 -16.24 -7.23 46.08
N PHE A 419 -15.79 -8.13 45.18
CA PHE A 419 -16.16 -9.53 45.24
C PHE A 419 -15.50 -10.20 46.45
N GLN A 420 -16.14 -11.27 46.95
CA GLN A 420 -15.53 -12.25 47.85
C GLN A 420 -15.60 -13.63 47.19
N PHE A 421 -14.77 -14.52 47.69
CA PHE A 421 -14.73 -15.90 47.24
C PHE A 421 -14.87 -16.75 48.49
N LYS A 422 -15.95 -17.50 48.57
CA LYS A 422 -16.36 -18.18 49.79
C LYS A 422 -16.92 -19.46 49.22
N ASP A 423 -16.40 -20.58 49.72
CA ASP A 423 -16.27 -21.85 48.98
C ASP A 423 -17.54 -22.34 48.28
N GLY A 424 -17.40 -22.84 47.08
CA GLY A 424 -16.38 -22.38 46.14
C GLY A 424 -17.18 -21.54 45.13
N MET A 425 -17.62 -20.38 45.59
CA MET A 425 -18.38 -19.48 44.77
C MET A 425 -17.73 -18.13 44.75
N ALA A 426 -17.88 -17.46 43.63
CA ALA A 426 -17.61 -16.03 43.54
C ALA A 426 -18.85 -15.31 44.05
N ILE A 427 -18.66 -14.41 45.00
CA ILE A 427 -19.75 -13.68 45.61
C ILE A 427 -19.65 -12.22 45.18
N ASP A 428 -20.74 -11.69 44.61
CA ASP A 428 -20.73 -10.30 44.14
C ASP A 428 -20.81 -9.27 45.28
N PRO A 429 -20.68 -7.97 44.96
CA PRO A 429 -20.60 -7.02 46.06
C PRO A 429 -21.90 -6.85 46.79
N THR A 430 -23.02 -7.37 46.27
CA THR A 430 -24.26 -7.34 47.05
C THR A 430 -24.48 -8.63 47.82
N ALA A 431 -23.42 -9.47 47.91
CA ALA A 431 -23.43 -10.72 48.67
C ALA A 431 -24.27 -11.82 48.03
N LYS A 432 -24.51 -11.75 46.72
CA LYS A 432 -25.19 -12.83 46.02
C LYS A 432 -24.17 -13.66 45.28
N PRO A 433 -24.35 -14.97 45.24
CA PRO A 433 -23.50 -15.72 44.31
C PRO A 433 -23.59 -15.18 42.88
N PHE A 434 -22.44 -15.02 42.22
CA PHE A 434 -22.39 -14.34 40.92
C PHE A 434 -22.85 -15.31 39.84
N ALA A 435 -23.85 -14.90 39.08
CA ALA A 435 -24.46 -15.72 38.08
C ALA A 435 -25.03 -14.85 36.96
N PHE A 436 -25.00 -15.35 35.73
CA PHE A 436 -25.62 -14.65 34.65
C PHE A 436 -25.93 -15.59 33.51
N GLU A 437 -26.69 -15.08 32.55
CA GLU A 437 -27.14 -15.85 31.39
C GLU A 437 -26.45 -15.41 30.10
N ILE A 438 -26.01 -16.36 29.29
CA ILE A 438 -25.62 -16.06 27.91
C ILE A 438 -26.74 -16.53 26.96
N MET A 439 -27.37 -15.59 26.27
CA MET A 439 -28.42 -15.91 25.32
C MET A 439 -27.73 -16.19 23.97
N THR A 440 -27.95 -17.40 23.46
CA THR A 440 -27.32 -17.84 22.20
C THR A 440 -28.33 -18.13 21.10
N ARG A 441 -27.94 -17.98 19.85
CA ARG A 441 -28.94 -18.21 18.75
C ARG A 441 -28.77 -19.48 17.97
N SER A 442 -27.68 -20.24 18.18
CA SER A 442 -27.31 -21.35 17.30
C SER A 442 -26.36 -22.31 17.97
N PRO A 443 -26.22 -23.52 17.39
CA PRO A 443 -25.30 -24.48 17.99
C PRO A 443 -23.86 -24.03 17.96
N ASP A 444 -23.45 -23.29 16.92
CA ASP A 444 -22.11 -22.68 16.95
C ASP A 444 -21.92 -21.70 18.13
N GLU A 445 -22.93 -20.89 18.43
CA GLU A 445 -22.84 -19.98 19.57
C GLU A 445 -22.81 -20.76 20.90
N GLU A 446 -23.62 -21.78 21.01
CA GLU A 446 -23.57 -22.62 22.18
C GLU A 446 -22.23 -23.23 22.44
N LYS A 447 -21.59 -23.72 21.38
CA LYS A 447 -20.32 -24.37 21.54
C LYS A 447 -19.28 -23.43 22.16
N ILE A 448 -19.21 -22.20 21.66
CA ILE A 448 -18.23 -21.24 22.21
C ILE A 448 -18.64 -20.72 23.59
N ALA A 449 -19.93 -20.60 23.83
CA ALA A 449 -20.42 -20.18 25.15
C ALA A 449 -20.10 -21.26 26.21
N LEU A 450 -20.25 -22.52 25.81
CA LEU A 450 -19.91 -23.64 26.67
C LEU A 450 -18.46 -23.58 27.05
N ALA A 451 -17.58 -23.26 26.11
CA ALA A 451 -16.16 -23.18 26.42
C ALA A 451 -15.89 -22.03 27.43
N TYR A 452 -16.53 -20.88 27.22
CA TYR A 452 -16.35 -19.76 28.14
C TYR A 452 -16.92 -20.11 29.53
N GLN A 453 -18.09 -20.72 29.53
CA GLN A 453 -18.67 -21.22 30.77
C GLN A 453 -17.76 -22.12 31.61
N ARG A 454 -17.02 -23.04 30.97
CA ARG A 454 -16.09 -23.88 31.73
CA ARG A 454 -16.01 -23.87 31.69
C ARG A 454 -15.06 -23.01 32.47
N ASN A 455 -14.51 -21.99 31.81
CA ASN A 455 -13.52 -21.14 32.50
C ASN A 455 -14.10 -20.26 33.62
N LEU A 456 -15.30 -19.74 33.39
CA LEU A 456 -15.98 -18.94 34.41
C LEU A 456 -16.29 -19.80 35.63
N SER A 457 -16.73 -21.03 35.41
CA SER A 457 -17.09 -21.92 36.52
C SER A 457 -15.87 -22.19 37.38
N ARG A 458 -14.70 -22.24 36.79
CA ARG A 458 -13.51 -22.46 37.57
C ARG A 458 -13.22 -21.32 38.59
N LEU A 459 -13.74 -20.13 38.37
CA LEU A 459 -13.66 -19.05 39.37
C LEU A 459 -14.88 -18.93 40.32
N GLY A 460 -15.76 -19.90 40.29
CA GLY A 460 -16.95 -19.88 41.09
C GLY A 460 -18.12 -19.10 40.52
N ILE A 461 -18.10 -18.85 39.22
CA ILE A 461 -19.19 -18.11 38.58
C ILE A 461 -20.18 -19.05 37.84
N ALA A 462 -21.47 -18.93 38.11
CA ALA A 462 -22.45 -19.79 37.51
C ALA A 462 -23.01 -19.10 36.23
N VAL A 463 -22.91 -19.76 35.11
CA VAL A 463 -23.39 -19.22 33.87
C VAL A 463 -24.41 -20.10 33.23
N GLU A 464 -25.57 -19.55 32.87
CA GLU A 464 -26.63 -20.31 32.20
C GLU A 464 -26.57 -20.03 30.70
N ILE A 465 -26.58 -21.05 29.87
CA ILE A 465 -26.61 -20.85 28.44
C ILE A 465 -28.01 -21.13 27.97
N HIS A 466 -28.66 -20.16 27.37
CA HIS A 466 -30.05 -20.31 26.99
C HIS A 466 -30.20 -20.04 25.49
N THR A 467 -30.48 -21.07 24.69
CA THR A 467 -30.68 -20.88 23.26
C THR A 467 -32.13 -20.50 22.96
N VAL A 468 -32.28 -19.45 22.15
CA VAL A 468 -33.59 -18.88 21.82
C VAL A 468 -33.64 -18.84 20.28
N ASP A 469 -34.79 -19.16 19.69
CA ASP A 469 -34.93 -19.14 18.26
C ASP A 469 -34.86 -17.70 17.75
N ASP A 470 -34.64 -17.57 16.45
CA ASP A 470 -34.33 -16.27 15.87
C ASP A 470 -35.34 -15.15 16.18
N ALA A 471 -36.62 -15.38 15.96
CA ALA A 471 -37.59 -14.31 16.17
C ALA A 471 -37.66 -13.88 17.66
N GLN A 472 -37.64 -14.84 18.58
CA GLN A 472 -37.69 -14.51 20.00
C GLN A 472 -36.38 -13.83 20.40
N TYR A 473 -35.26 -14.27 19.82
CA TYR A 473 -33.95 -13.66 20.07
C TYR A 473 -34.00 -12.13 19.68
N GLN A 474 -34.48 -11.84 18.50
CA GLN A 474 -34.61 -10.43 18.03
C GLN A 474 -35.57 -9.61 18.89
N GLN A 475 -36.64 -10.23 19.35
CA GLN A 475 -37.56 -9.55 20.31
C GLN A 475 -36.78 -9.10 21.57
N ARG A 476 -35.91 -9.96 22.08
CA ARG A 476 -35.08 -9.62 23.27
C ARG A 476 -33.96 -8.60 22.97
N LEU A 477 -33.38 -8.67 21.78
CA LEU A 477 -32.40 -7.68 21.36
C LEU A 477 -33.02 -6.28 21.36
N GLN A 478 -34.23 -6.21 20.87
CA GLN A 478 -34.92 -4.94 20.72
C GLN A 478 -35.03 -4.17 22.03
N THR A 479 -35.26 -4.88 23.13
CA THR A 479 -35.49 -4.30 24.45
C THR A 479 -34.26 -4.44 25.33
N PHE A 480 -33.16 -4.95 24.79
CA PHE A 480 -31.94 -5.19 25.55
C PHE A 480 -32.20 -6.13 26.73
N ASP A 481 -33.03 -7.17 26.50
CA ASP A 481 -33.43 -8.12 27.54
C ASP A 481 -32.46 -9.34 27.61
N TYR A 482 -31.23 -9.13 28.09
CA TYR A 482 -30.21 -10.16 28.21
C TYR A 482 -29.07 -9.66 29.15
N ASP A 483 -28.31 -10.60 29.68
CA ASP A 483 -27.09 -10.31 30.40
C ASP A 483 -25.95 -10.22 29.40
N MET A 484 -25.78 -11.27 28.62
CA MET A 484 -24.67 -11.38 27.66
C MET A 484 -25.18 -12.09 26.40
N ILE A 485 -24.66 -11.67 25.25
CA ILE A 485 -24.90 -12.32 23.96
C ILE A 485 -23.59 -12.39 23.20
N LEU A 486 -23.62 -13.02 22.02
CA LEU A 486 -22.56 -12.86 21.04
CA LEU A 486 -22.56 -12.85 21.03
C LEU A 486 -23.00 -11.73 20.08
N GLY A 487 -22.08 -10.82 19.76
CA GLY A 487 -22.36 -9.70 18.87
C GLY A 487 -21.33 -9.58 17.77
N ALA A 488 -21.77 -9.12 16.61
CA ALA A 488 -20.92 -8.92 15.43
C ALA A 488 -21.02 -7.45 14.99
N LEU A 489 -19.95 -6.89 14.43
CA LEU A 489 -20.03 -5.55 13.83
C LEU A 489 -19.51 -5.58 12.44
N ALA A 490 -20.17 -4.88 11.53
CA ALA A 490 -19.70 -4.76 10.13
C ALA A 490 -18.74 -3.59 10.07
N SER A 491 -17.45 -3.89 9.94
CA SER A 491 -16.41 -2.91 10.10
C SER A 491 -16.03 -2.37 8.76
N SER A 492 -15.40 -1.20 8.74
CA SER A 492 -14.85 -0.69 7.51
C SER A 492 -13.73 0.28 7.77
N LEU A 493 -13.08 0.67 6.69
CA LEU A 493 -12.04 1.68 6.74
C LEU A 493 -12.63 3.10 6.75
N SER A 494 -13.95 3.24 6.72
CA SER A 494 -14.61 4.55 6.69
C SER A 494 -15.69 4.67 7.72
N PRO A 495 -15.34 4.38 9.01
CA PRO A 495 -16.38 4.56 9.99
C PRO A 495 -16.91 6.00 9.92
N GLY A 496 -18.22 6.12 10.05
CA GLY A 496 -18.93 7.39 9.94
C GLY A 496 -20.15 7.46 10.85
N ASN A 497 -21.26 7.98 10.30
CA ASN A 497 -22.47 8.27 11.08
C ASN A 497 -23.07 7.06 11.78
N GLU A 498 -22.91 5.85 11.20
CA GLU A 498 -23.39 4.63 11.83
C GLU A 498 -22.77 4.40 13.25
N GLN A 499 -21.63 5.02 13.55
CA GLN A 499 -21.05 4.83 14.85
C GLN A 499 -21.96 5.34 15.99
N TRP A 500 -22.77 6.38 15.74
CA TRP A 500 -23.70 6.86 16.74
C TRP A 500 -24.68 5.80 17.24
N LEU A 501 -25.20 4.96 16.35
CA LEU A 501 -26.21 3.98 16.76
C LEU A 501 -25.59 2.72 17.35
N ARG A 502 -24.29 2.57 17.21
CA ARG A 502 -23.57 1.50 17.85
C ARG A 502 -23.11 1.83 19.23
N TRP A 503 -22.58 3.05 19.40
CA TRP A 503 -21.82 3.43 20.59
C TRP A 503 -22.24 4.75 21.28
N GLY A 504 -23.08 5.55 20.60
CA GLY A 504 -23.42 6.86 21.06
C GLY A 504 -24.27 6.82 22.29
N SER A 505 -24.08 7.78 23.17
CA SER A 505 -24.75 7.70 24.47
C SER A 505 -26.29 7.82 24.34
N ALA A 506 -26.79 8.58 23.38
CA ALA A 506 -28.25 8.64 23.17
C ALA A 506 -28.81 7.25 22.71
N SER A 507 -28.07 6.47 21.96
CA SER A 507 -28.60 5.17 21.53
C SER A 507 -28.75 4.12 22.65
N ARG A 508 -28.10 4.32 23.80
CA ARG A 508 -28.21 3.35 24.90
C ARG A 508 -29.66 3.12 25.30
N ASP A 509 -30.45 4.18 25.30
CA ASP A 509 -31.84 4.09 25.76
C ASP A 509 -32.87 4.03 24.65
N VAL A 510 -32.45 3.77 23.43
CA VAL A 510 -33.38 3.68 22.34
C VAL A 510 -33.54 2.24 21.94
N GLN A 511 -34.73 1.69 22.25
CA GLN A 511 -35.04 0.34 21.86
C GLN A 511 -34.92 0.17 20.35
N GLY A 512 -34.25 -0.91 19.92
CA GLY A 512 -33.99 -1.15 18.53
C GLY A 512 -32.68 -0.60 18.01
N SER A 513 -31.96 0.19 18.80
CA SER A 513 -30.61 0.63 18.38
C SER A 513 -29.65 -0.54 18.41
N PHE A 514 -28.45 -0.29 17.91
CA PHE A 514 -27.40 -1.33 17.82
C PHE A 514 -26.40 -1.21 18.97
N ASN A 515 -26.74 -0.44 20.00
CA ASN A 515 -25.81 -0.25 21.14
C ASN A 515 -26.07 -1.37 22.15
N PHE A 516 -25.65 -2.57 21.79
CA PHE A 516 -25.98 -3.75 22.61
C PHE A 516 -25.34 -3.76 23.97
N ALA A 517 -24.15 -3.16 24.12
CA ALA A 517 -23.51 -3.09 25.45
C ALA A 517 -24.04 -1.96 26.32
N GLY A 518 -24.83 -1.03 25.74
CA GLY A 518 -25.32 0.11 26.48
C GLY A 518 -24.22 1.12 26.81
N VAL A 519 -23.32 1.37 25.85
CA VAL A 519 -22.27 2.37 26.05
C VAL A 519 -22.88 3.77 26.12
N ALA A 520 -22.47 4.56 27.10
CA ALA A 520 -22.84 5.98 27.24
C ALA A 520 -21.76 6.73 28.00
N ASP A 521 -20.83 7.29 27.24
CA ASP A 521 -19.62 7.83 27.81
C ASP A 521 -19.30 9.05 26.96
N PRO A 522 -19.22 10.21 27.61
CA PRO A 522 -18.82 11.38 26.82
C PRO A 522 -17.50 11.22 26.06
N ALA A 523 -16.57 10.38 26.51
CA ALA A 523 -15.31 10.21 25.75
C ALA A 523 -15.59 9.53 24.44
N VAL A 524 -16.49 8.55 24.44
CA VAL A 524 -16.86 7.85 23.20
C VAL A 524 -17.50 8.86 22.27
N ASP A 525 -18.49 9.59 22.77
CA ASP A 525 -19.16 10.58 21.94
C ASP A 525 -18.16 11.55 21.34
N ALA A 526 -17.21 12.02 22.13
CA ALA A 526 -16.21 12.99 21.65
C ALA A 526 -15.30 12.41 20.55
N MET A 527 -14.93 11.13 20.65
CA MET A 527 -14.09 10.53 19.60
C MET A 527 -14.88 10.34 18.28
N ILE A 528 -16.18 10.04 18.39
CA ILE A 528 -17.03 9.96 17.20
C ILE A 528 -17.12 11.36 16.54
N GLU A 529 -17.30 12.39 17.36
CA GLU A 529 -17.30 13.75 16.81
C GLU A 529 -15.99 14.05 16.09
N ALA A 530 -14.87 13.67 16.71
CA ALA A 530 -13.58 13.94 16.15
C ALA A 530 -13.37 13.21 14.83
N LEU A 531 -13.78 11.94 14.74
CA LEU A 531 -13.58 11.22 13.46
C LEU A 531 -14.47 11.79 12.37
N LEU A 532 -15.63 12.28 12.74
CA LEU A 532 -16.48 12.96 11.78
C LEU A 532 -15.97 14.35 11.39
N ALA A 533 -15.28 15.06 12.28
CA ALA A 533 -14.74 16.40 11.99
C ALA A 533 -13.48 16.32 11.14
N ALA A 534 -12.82 15.17 11.12
CA ALA A 534 -11.50 15.02 10.49
C ALA A 534 -11.60 15.29 9.01
N ARG A 535 -10.70 16.09 8.48
CA ARG A 535 -10.69 16.41 7.07
C ARG A 535 -9.51 15.86 6.30
N ASN A 536 -8.55 15.25 6.98
CA ASN A 536 -7.51 14.58 6.25
C ASN A 536 -7.31 13.20 6.84
N ARG A 537 -6.67 12.31 6.09
CA ARG A 537 -6.57 10.90 6.47
C ARG A 537 -5.77 10.73 7.80
N ALA A 538 -4.78 11.57 8.07
CA ALA A 538 -3.99 11.46 9.29
C ALA A 538 -4.78 11.74 10.57
N ASP A 539 -5.49 12.87 10.57
CA ASP A 539 -6.38 13.19 11.66
C ASP A 539 -7.47 12.16 11.85
N PHE A 540 -7.96 11.60 10.75
CA PHE A 540 -9.01 10.62 10.80
C PHE A 540 -8.49 9.33 11.46
N VAL A 541 -7.35 8.84 11.01
CA VAL A 541 -6.76 7.66 11.58
C VAL A 541 -6.52 7.84 13.08
N SER A 542 -6.05 9.01 13.47
CA SER A 542 -5.78 9.27 14.84
C SER A 542 -7.09 9.21 15.65
N ALA A 543 -8.14 9.83 15.11
CA ALA A 543 -9.41 9.88 15.85
C ALA A 543 -10.04 8.51 16.01
N VAL A 544 -9.94 7.69 14.97
CA VAL A 544 -10.50 6.35 15.03
C VAL A 544 -9.73 5.48 16.02
N ARG A 545 -8.41 5.57 15.97
CA ARG A 545 -7.61 4.83 16.94
C ARG A 545 -8.00 5.24 18.38
N ALA A 546 -8.25 6.53 18.60
CA ALA A 546 -8.61 6.99 19.93
C ALA A 546 -9.95 6.39 20.34
N LEU A 547 -10.91 6.31 19.39
CA LEU A 547 -12.19 5.64 19.66
C LEU A 547 -11.92 4.19 20.05
N ASP A 548 -11.09 3.50 19.26
CA ASP A 548 -10.74 2.12 19.54
C ASP A 548 -10.21 1.97 20.98
N ARG A 549 -9.35 2.89 21.39
CA ARG A 549 -8.69 2.82 22.70
C ARG A 549 -9.74 2.94 23.82
N VAL A 550 -10.69 3.83 23.61
CA VAL A 550 -11.73 4.02 24.62
C VAL A 550 -12.64 2.79 24.74
N LEU A 551 -12.99 2.20 23.59
CA LEU A 551 -13.88 1.08 23.55
C LEU A 551 -13.25 -0.17 24.16
N ILE A 552 -12.00 -0.43 23.81
CA ILE A 552 -11.23 -1.52 24.42
C ILE A 552 -11.15 -1.33 25.95
N SER A 553 -10.92 -0.08 26.38
CA SER A 553 -10.71 0.25 27.78
C SER A 553 -11.99 0.15 28.61
N GLY A 554 -13.14 0.06 27.96
CA GLY A 554 -14.39 -0.15 28.61
C GLY A 554 -14.77 -1.62 28.81
N ASP A 555 -14.05 -2.55 28.19
CA ASP A 555 -14.43 -3.96 28.18
C ASP A 555 -15.95 -4.14 27.96
N TYR A 556 -16.44 -3.58 26.85
CA TYR A 556 -17.81 -3.75 26.46
C TYR A 556 -18.04 -5.07 25.74
N TYR A 557 -17.02 -5.52 25.00
CA TYR A 557 -16.96 -6.80 24.33
C TYR A 557 -15.82 -7.60 24.91
N VAL A 558 -15.95 -8.92 24.93
CA VAL A 558 -14.81 -9.83 25.06
C VAL A 558 -14.53 -10.23 23.60
N PRO A 559 -13.48 -9.67 23.03
CA PRO A 559 -13.25 -9.90 21.59
C PRO A 559 -12.85 -11.36 21.35
N LEU A 560 -13.39 -11.97 20.29
CA LEU A 560 -13.15 -13.38 20.03
C LEU A 560 -12.10 -13.55 18.94
N TYR A 561 -12.51 -13.79 17.69
CA TYR A 561 -11.60 -14.24 16.68
C TYR A 561 -12.14 -14.04 15.27
N HIS A 562 -11.23 -14.13 14.33
CA HIS A 562 -11.51 -13.87 12.92
C HIS A 562 -10.53 -14.70 12.11
N LEU A 563 -10.79 -14.81 10.83
CA LEU A 563 -9.91 -15.55 9.93
C LEU A 563 -8.86 -14.60 9.40
N PRO A 564 -7.58 -14.90 9.55
CA PRO A 564 -6.60 -13.95 9.08
C PRO A 564 -6.36 -13.90 7.54
N TYR A 565 -6.84 -14.90 6.80
CA TYR A 565 -6.79 -14.86 5.36
C TYR A 565 -8.18 -15.07 4.77
N GLN A 566 -8.37 -14.52 3.59
CA GLN A 566 -9.53 -14.80 2.77
C GLN A 566 -9.19 -16.07 2.00
N TRP A 567 -10.20 -16.90 1.80
CA TRP A 567 -10.01 -18.17 1.17
C TRP A 567 -10.92 -18.32 0.00
N VAL A 568 -10.34 -18.61 -1.16
CA VAL A 568 -11.12 -18.92 -2.38
C VAL A 568 -10.49 -20.13 -3.08
N ALA A 569 -11.28 -21.20 -3.22
CA ALA A 569 -10.83 -22.35 -3.98
C ALA A 569 -11.31 -22.14 -5.39
N ARG A 570 -10.49 -22.49 -6.37
CA ARG A 570 -10.85 -22.25 -7.76
C ARG A 570 -10.34 -23.37 -8.67
N TRP A 571 -11.15 -23.71 -9.66
CA TRP A 571 -10.65 -24.49 -10.81
C TRP A 571 -9.56 -23.66 -11.53
N ASP A 572 -8.53 -24.34 -12.00
CA ASP A 572 -7.37 -23.65 -12.54
C ASP A 572 -7.60 -22.98 -13.90
N ARG A 573 -8.76 -23.18 -14.51
CA ARG A 573 -9.20 -22.40 -15.65
C ARG A 573 -9.58 -20.96 -15.30
N ILE A 574 -9.61 -20.63 -14.01
CA ILE A 574 -9.84 -19.27 -13.56
C ILE A 574 -8.55 -18.71 -13.00
N GLU A 575 -8.16 -17.49 -13.44
CA GLU A 575 -6.96 -16.83 -12.94
CA GLU A 575 -6.95 -16.83 -12.90
C GLU A 575 -7.24 -15.42 -12.41
N HIS A 576 -6.26 -14.86 -11.73
CA HIS A 576 -6.38 -13.52 -11.15
C HIS A 576 -5.04 -12.81 -11.16
N PRO A 577 -5.06 -11.48 -11.03
CA PRO A 577 -3.78 -10.78 -10.96
C PRO A 577 -2.95 -11.22 -9.76
N GLN A 578 -1.62 -11.13 -9.93
CA GLN A 578 -0.66 -11.36 -8.85
C GLN A 578 -0.94 -10.43 -7.67
N LYS A 579 -1.11 -9.15 -7.97
CA LYS A 579 -1.45 -8.13 -6.95
C LYS A 579 -2.87 -8.30 -6.40
N THR A 580 -2.98 -8.11 -5.09
CA THR A 580 -4.24 -8.09 -4.38
C THR A 580 -4.34 -6.75 -3.68
N PRO A 581 -5.43 -6.00 -3.90
CA PRO A 581 -5.47 -4.69 -3.33
C PRO A 581 -5.89 -4.67 -1.86
N LEU A 582 -5.95 -3.47 -1.30
CA LEU A 582 -6.32 -3.23 0.10
C LEU A 582 -7.58 -3.96 0.52
N SER A 583 -8.59 -4.01 -0.37
CA SER A 583 -9.88 -4.62 -0.03
C SER A 583 -9.91 -6.14 -0.15
N GLY A 584 -8.81 -6.76 -0.56
CA GLY A 584 -8.78 -8.19 -0.69
C GLY A 584 -9.06 -8.58 -2.14
N TYR A 585 -9.32 -9.85 -2.38
CA TYR A 585 -9.46 -10.32 -3.77
C TYR A 585 -10.62 -9.58 -4.43
N GLN A 586 -10.54 -9.39 -5.75
CA GLN A 586 -11.56 -8.68 -6.50
C GLN A 586 -11.97 -9.50 -7.75
N LEU A 587 -13.07 -10.22 -7.62
CA LEU A 587 -13.54 -11.09 -8.69
C LEU A 587 -13.68 -10.40 -10.03
N PRO A 588 -14.12 -9.11 -10.06
CA PRO A 588 -14.26 -8.44 -11.35
C PRO A 588 -12.94 -8.28 -12.14
N ALA A 589 -11.79 -8.44 -11.48
CA ALA A 589 -10.51 -8.42 -12.13
C ALA A 589 -10.01 -9.82 -12.53
N TRP A 590 -10.77 -10.87 -12.19
CA TRP A 590 -10.35 -12.22 -12.56
C TRP A 590 -10.71 -12.50 -14.04
N TRP A 591 -10.19 -13.59 -14.57
CA TRP A 591 -10.38 -13.96 -15.98
C TRP A 591 -10.34 -15.47 -16.17
N HIS A 592 -10.67 -15.88 -17.38
CA HIS A 592 -10.63 -17.27 -17.76
C HIS A 592 -9.35 -17.48 -18.54
N THR A 593 -8.65 -18.59 -18.29
CA THR A 593 -7.44 -18.89 -19.03
C THR A 593 -7.77 -19.14 -20.50
N SER A 594 -6.79 -18.85 -21.35
CA SER A 594 -6.86 -19.07 -22.81
C SER A 594 -7.01 -20.53 -23.24
N GLU B 12 6.58 9.77 24.78
CA GLU B 12 5.41 8.87 25.03
C GLU B 12 4.64 8.57 23.73
N THR B 13 4.76 9.42 22.71
CA THR B 13 4.16 9.13 21.39
C THR B 13 5.08 8.25 20.52
N ALA B 14 6.34 8.06 20.94
CA ALA B 14 7.36 7.36 20.11
C ALA B 14 7.34 5.85 20.33
N PRO B 15 7.31 5.06 19.26
CA PRO B 15 7.45 3.64 19.45
C PRO B 15 8.86 3.23 19.85
N ASP B 16 8.97 2.11 20.58
CA ASP B 16 10.27 1.63 21.03
C ASP B 16 10.80 0.47 20.16
N TYR B 17 10.06 0.08 19.13
CA TYR B 17 10.35 -1.10 18.30
C TYR B 17 10.57 -0.69 16.83
N ALA B 18 10.51 0.61 16.56
CA ALA B 18 10.65 1.09 15.18
C ALA B 18 11.16 2.49 15.17
N LEU B 19 11.77 2.87 14.06
CA LEU B 19 12.24 4.23 13.85
C LEU B 19 11.96 4.62 12.41
N SER B 20 11.10 5.64 12.25
CA SER B 20 10.68 6.09 10.96
C SER B 20 11.14 7.55 10.76
N MET B 21 11.67 7.82 9.56
CA MET B 21 12.25 9.10 9.25
C MET B 21 11.22 10.21 9.50
N HIS B 22 10.00 10.05 9.00
CA HIS B 22 8.93 11.00 9.16
C HIS B 22 7.79 10.54 10.06
N GLY B 23 8.03 9.54 10.89
CA GLY B 23 7.04 9.19 11.94
C GLY B 23 6.03 8.16 11.53
N ASP B 24 5.92 7.83 10.25
CA ASP B 24 4.95 6.86 9.78
C ASP B 24 5.45 5.43 9.99
N VAL B 25 4.78 4.67 10.85
CA VAL B 25 5.17 3.29 11.15
C VAL B 25 4.01 2.38 10.81
N ALA B 26 4.16 1.57 9.75
CA ALA B 26 3.04 0.81 9.22
C ALA B 26 2.68 -0.38 10.14
N LEU B 27 3.65 -0.96 10.85
CA LEU B 27 3.43 -2.19 11.59
C LEU B 27 3.23 -1.92 13.08
N PRO B 28 2.25 -2.57 13.72
CA PRO B 28 2.11 -2.44 15.17
C PRO B 28 3.18 -3.26 15.87
N ALA B 29 3.33 -3.07 17.17
CA ALA B 29 4.43 -3.68 17.91
C ALA B 29 4.37 -5.18 17.90
N ASP B 30 3.17 -5.75 17.82
CA ASP B 30 2.99 -7.22 17.87
C ASP B 30 2.94 -7.86 16.47
N TYR B 31 3.49 -7.21 15.43
CA TYR B 31 3.55 -7.84 14.11
C TYR B 31 4.30 -9.18 14.18
N THR B 32 3.84 -10.18 13.43
CA THR B 32 4.48 -11.48 13.47
C THR B 32 5.55 -11.64 12.38
N HIS B 33 5.51 -10.81 11.35
CA HIS B 33 6.48 -10.86 10.26
C HIS B 33 6.28 -9.62 9.41
N PHE B 34 7.30 -9.24 8.63
CA PHE B 34 7.14 -8.21 7.61
C PHE B 34 6.07 -8.68 6.61
N PRO B 35 5.26 -7.75 6.09
CA PRO B 35 4.06 -8.16 5.37
C PRO B 35 4.33 -8.77 4.00
N TYR B 36 5.57 -8.74 3.53
CA TYR B 36 5.91 -9.32 2.24
C TYR B 36 6.68 -10.64 2.29
N THR B 37 6.65 -11.30 3.45
CA THR B 37 7.20 -12.63 3.58
C THR B 37 6.09 -13.63 3.78
N ASN B 38 6.43 -14.88 3.48
CA ASN B 38 5.58 -16.02 3.81
C ASN B 38 5.95 -16.45 5.22
N PRO B 39 5.00 -16.41 6.16
CA PRO B 39 5.39 -16.75 7.53
C PRO B 39 5.64 -18.23 7.77
N ASP B 40 5.37 -19.08 6.80
CA ASP B 40 5.67 -20.50 6.94
C ASP B 40 6.50 -21.01 5.77
N ALA B 41 7.49 -20.24 5.33
CA ALA B 41 8.29 -20.64 4.18
C ALA B 41 9.10 -21.88 4.49
N PRO B 42 9.19 -22.81 3.55
CA PRO B 42 10.09 -23.97 3.66
C PRO B 42 11.54 -23.53 3.82
N LYS B 43 12.28 -24.30 4.60
CA LYS B 43 13.59 -23.91 5.06
C LYS B 43 14.74 -24.75 4.50
N LYS B 44 14.46 -25.66 3.56
CA LYS B 44 15.47 -26.61 3.08
C LYS B 44 15.75 -26.29 1.64
N GLY B 45 17.01 -26.38 1.26
CA GLY B 45 17.40 -26.30 -0.16
C GLY B 45 18.21 -25.05 -0.45
N SER B 46 18.83 -25.01 -1.62
CA SER B 46 19.83 -24.01 -1.91
C SER B 46 19.42 -23.08 -3.07
N LEU B 47 20.17 -21.99 -3.18
CA LEU B 47 20.01 -21.02 -4.24
C LEU B 47 21.41 -20.80 -4.78
N THR B 48 21.54 -20.81 -6.11
CA THR B 48 22.77 -20.47 -6.78
C THR B 48 22.47 -19.33 -7.77
N VAL B 49 23.20 -18.24 -7.66
CA VAL B 49 22.99 -17.10 -8.54
C VAL B 49 24.31 -16.68 -9.13
N GLY B 50 24.25 -16.00 -10.25
CA GLY B 50 25.42 -15.53 -10.96
C GLY B 50 25.55 -14.02 -10.94
N VAL B 51 26.77 -13.53 -10.96
CA VAL B 51 27.06 -12.11 -11.18
C VAL B 51 28.22 -11.99 -12.16
N VAL B 52 28.28 -10.85 -12.84
CA VAL B 52 29.39 -10.55 -13.74
C VAL B 52 30.53 -9.86 -12.98
N GLY B 53 31.76 -10.35 -13.11
CA GLY B 53 32.92 -9.67 -12.54
C GLY B 53 33.84 -10.67 -11.84
N THR B 54 34.54 -10.18 -10.81
CA THR B 54 35.45 -10.99 -10.05
C THR B 54 35.53 -10.44 -8.63
N PHE B 55 36.18 -11.18 -7.74
CA PHE B 55 36.38 -10.73 -6.40
C PHE B 55 37.67 -11.32 -5.92
N ASP B 56 38.35 -10.59 -5.06
CA ASP B 56 39.53 -11.11 -4.41
C ASP B 56 39.62 -10.71 -2.94
N SER B 57 38.54 -10.27 -2.32
CA SER B 57 38.60 -9.87 -0.91
C SER B 57 37.25 -9.97 -0.21
N LEU B 58 37.29 -9.98 1.12
CA LEU B 58 36.08 -10.22 1.94
C LEU B 58 35.82 -9.14 3.00
N ASN B 59 36.31 -7.94 2.77
CA ASN B 59 36.09 -6.84 3.68
C ASN B 59 35.39 -5.71 2.90
N PRO B 60 34.09 -5.51 3.18
CA PRO B 60 33.35 -4.50 2.44
C PRO B 60 33.50 -3.11 2.99
N PHE B 61 34.33 -2.91 4.01
CA PHE B 61 34.30 -1.64 4.72
C PHE B 61 35.52 -0.74 4.48
N VAL B 62 36.42 -1.15 3.57
CA VAL B 62 37.72 -0.50 3.42
C VAL B 62 38.03 -0.20 1.97
N LEU B 63 38.98 0.73 1.73
CA LEU B 63 39.32 1.12 0.36
C LEU B 63 39.90 -0.01 -0.47
N LYS B 64 40.82 -0.79 0.09
CA LYS B 64 41.50 -1.82 -0.71
C LYS B 64 40.48 -2.87 -1.16
N SER B 65 40.48 -3.15 -2.46
CA SER B 65 39.59 -4.11 -3.09
C SER B 65 38.11 -3.75 -2.97
N MET B 66 37.80 -2.49 -2.79
CA MET B 66 36.41 -2.11 -2.60
C MET B 66 35.53 -2.43 -3.79
N ARG B 67 36.09 -2.52 -5.00
CA ARG B 67 35.30 -2.89 -6.18
C ARG B 67 35.41 -4.40 -6.50
N THR B 68 36.19 -5.15 -5.73
CA THR B 68 36.38 -6.57 -5.98
C THR B 68 36.18 -7.35 -4.68
N THR B 69 35.19 -6.90 -3.91
CA THR B 69 34.80 -7.57 -2.68
C THR B 69 33.60 -8.50 -2.94
N ALA B 70 33.63 -9.65 -2.31
CA ALA B 70 32.60 -10.62 -2.56
C ALA B 70 31.25 -10.03 -2.26
N ARG B 71 30.27 -10.43 -3.04
CA ARG B 71 28.87 -10.06 -2.81
C ARG B 71 28.29 -10.84 -1.63
N GLY B 72 27.29 -10.25 -0.98
CA GLY B 72 26.51 -10.93 0.04
C GLY B 72 26.87 -10.61 1.48
N LEU B 73 27.96 -9.91 1.71
CA LEU B 73 28.45 -9.71 3.08
C LEU B 73 27.71 -8.61 3.81
N TYR B 74 27.54 -7.49 3.13
CA TYR B 74 26.96 -6.28 3.69
C TYR B 74 26.52 -5.35 2.54
N ASN B 75 25.40 -4.68 2.73
CA ASN B 75 24.91 -3.66 1.77
C ASN B 75 24.73 -4.24 0.36
N ASP B 76 24.19 -5.44 0.26
CA ASP B 76 24.13 -6.08 -1.02
C ASP B 76 22.76 -5.78 -1.61
N GLY B 77 22.74 -5.32 -2.86
CA GLY B 77 21.51 -4.93 -3.57
C GLY B 77 20.47 -6.04 -3.70
N GLU B 78 20.91 -7.26 -3.92
CA GLU B 78 19.99 -8.36 -4.08
C GLU B 78 19.79 -9.12 -2.79
N PHE B 79 20.84 -9.31 -2.01
CA PHE B 79 20.78 -10.15 -0.80
C PHE B 79 20.80 -9.46 0.54
N GLY B 80 21.00 -8.15 0.57
CA GLY B 80 21.02 -7.43 1.85
C GLY B 80 22.24 -7.79 2.71
N ASN B 81 22.04 -7.87 4.02
CA ASN B 81 23.16 -8.01 4.93
C ASN B 81 23.22 -9.45 5.54
N MET B 82 23.86 -10.37 4.83
CA MET B 82 23.85 -11.77 5.26
C MET B 82 24.86 -12.12 6.36
N VAL B 83 25.96 -11.38 6.45
CA VAL B 83 26.99 -11.66 7.46
C VAL B 83 27.04 -10.54 8.47
N TYR B 84 27.24 -9.31 8.00
CA TYR B 84 27.28 -8.18 8.88
C TYR B 84 25.88 -7.55 8.98
N GLN B 85 25.41 -7.32 10.21
CA GLN B 85 24.11 -6.75 10.47
C GLN B 85 24.17 -5.34 11.01
N THR B 86 23.02 -4.67 10.95
CA THR B 86 22.84 -3.32 11.44
C THR B 86 22.06 -3.35 12.75
N LEU B 87 22.00 -2.22 13.43
CA LEU B 87 21.19 -2.16 14.68
C LEU B 87 19.72 -2.38 14.41
N MET B 88 19.24 -1.84 13.30
CA MET B 88 17.82 -1.95 12.94
C MET B 88 17.69 -2.28 11.45
N LEU B 89 16.60 -2.94 11.11
CA LEU B 89 16.37 -3.46 9.77
C LEU B 89 15.32 -2.66 9.01
N ARG B 90 15.66 -2.25 7.81
CA ARG B 90 14.80 -1.49 6.96
C ARG B 90 13.67 -2.36 6.42
N SER B 91 12.41 -1.95 6.58
CA SER B 91 11.34 -2.61 5.84
C SER B 91 11.32 -2.15 4.38
N ARG B 92 11.21 -3.08 3.44
CA ARG B 92 11.18 -2.71 2.03
C ARG B 92 9.76 -2.47 1.50
N ASP B 93 8.80 -2.33 2.44
CA ASP B 93 7.45 -2.01 2.08
C ASP B 93 7.05 -0.61 2.55
N GLU B 94 7.97 0.18 3.08
CA GLU B 94 7.69 1.54 3.53
C GLU B 94 8.72 2.47 2.96
N PRO B 95 8.41 3.79 2.88
CA PRO B 95 9.41 4.74 2.40
C PRO B 95 10.74 4.73 3.15
N PHE B 96 10.68 4.84 4.49
CA PHE B 96 11.88 4.87 5.30
C PHE B 96 11.53 4.59 6.77
N THR B 97 11.35 3.33 7.06
CA THR B 97 11.10 2.86 8.42
C THR B 97 12.01 1.64 8.72
N LEU B 98 12.58 1.65 9.92
CA LEU B 98 13.43 0.59 10.44
C LEU B 98 12.76 -0.13 11.63
N TYR B 99 12.98 -1.44 11.74
CA TYR B 99 12.45 -2.25 12.83
C TYR B 99 13.61 -2.93 13.57
N SER B 100 13.31 -3.54 14.72
CA SER B 100 14.34 -4.13 15.57
C SER B 100 15.19 -5.20 14.87
N LEU B 101 16.49 -5.19 15.13
CA LEU B 101 17.37 -6.30 14.74
C LEU B 101 18.34 -6.45 15.90
N LEU B 102 19.60 -6.07 15.74
CA LEU B 102 20.54 -6.21 16.86
C LEU B 102 20.06 -5.38 18.05
N ALA B 103 19.52 -4.20 17.76
CA ALA B 103 18.89 -3.39 18.78
C ALA B 103 17.43 -3.83 18.94
N GLU B 104 17.10 -4.28 20.15
CA GLU B 104 15.76 -4.76 20.43
C GLU B 104 14.84 -3.58 20.65
N LYS B 105 15.36 -2.53 21.24
CA LYS B 105 14.61 -1.32 21.53
C LYS B 105 15.41 -0.09 21.14
N VAL B 106 14.67 0.97 20.83
CA VAL B 106 15.21 2.26 20.45
C VAL B 106 14.46 3.37 21.16
N ALA B 107 15.21 4.35 21.65
CA ALA B 107 14.64 5.58 22.15
C ALA B 107 15.35 6.72 21.45
N ILE B 108 14.66 7.83 21.27
CA ILE B 108 15.23 8.92 20.49
C ILE B 108 14.69 10.26 20.92
N ASP B 109 15.53 11.26 20.88
CA ASP B 109 15.13 12.66 21.12
C ASP B 109 14.15 13.17 20.04
N PRO B 110 13.03 13.79 20.45
CA PRO B 110 12.17 14.41 19.45
C PRO B 110 12.93 15.32 18.48
N GLU B 111 13.90 16.08 18.98
CA GLU B 111 14.72 16.95 18.15
C GLU B 111 15.95 16.25 17.57
N ARG B 112 16.07 14.94 17.81
CA ARG B 112 17.11 14.10 17.20
C ARG B 112 18.56 14.48 17.47
N LYS B 113 18.81 14.98 18.65
CA LYS B 113 20.22 15.20 18.98
C LYS B 113 20.84 14.05 19.72
N TRP B 114 20.04 13.04 20.09
CA TRP B 114 20.58 11.77 20.53
C TRP B 114 19.69 10.61 20.12
N VAL B 115 20.28 9.42 20.05
CA VAL B 115 19.52 8.16 19.91
C VAL B 115 20.16 7.09 20.78
N GLU B 116 19.34 6.23 21.36
CA GLU B 116 19.80 5.23 22.28
C GLU B 116 19.20 3.87 21.93
N PHE B 117 20.07 2.87 21.84
CA PHE B 117 19.71 1.53 21.43
C PHE B 117 19.95 0.59 22.58
N THR B 118 19.05 -0.35 22.77
CA THR B 118 19.25 -1.41 23.73
C THR B 118 19.34 -2.70 22.92
N LEU B 119 20.48 -3.38 23.01
CA LEU B 119 20.74 -4.59 22.28
C LEU B 119 19.90 -5.74 22.83
N ASN B 120 19.52 -6.63 21.93
CA ASN B 120 18.80 -7.83 22.27
C ASN B 120 19.77 -8.75 23.07
N PRO B 121 19.37 -9.18 24.25
CA PRO B 121 20.31 -10.02 25.00
C PRO B 121 20.68 -11.34 24.33
N LYS B 122 19.89 -11.81 23.37
CA LYS B 122 20.23 -13.04 22.66
C LYS B 122 21.23 -12.84 21.51
N ALA B 123 21.61 -11.61 21.22
CA ALA B 123 22.42 -11.40 20.05
C ALA B 123 23.79 -12.03 20.20
N LYS B 124 24.21 -12.81 19.20
CA LYS B 124 25.49 -13.48 19.19
C LYS B 124 26.12 -13.44 17.81
N TRP B 125 27.45 -13.32 17.82
CA TRP B 125 28.29 -13.61 16.68
C TRP B 125 28.09 -15.06 16.26
N SER B 126 28.43 -15.38 15.01
CA SER B 126 28.25 -16.76 14.53
C SER B 126 29.14 -17.77 15.29
N ASP B 127 30.20 -17.30 15.96
CA ASP B 127 31.00 -18.18 16.83
C ASP B 127 30.45 -18.34 18.25
N GLY B 128 29.26 -17.83 18.52
CA GLY B 128 28.68 -18.00 19.86
C GLY B 128 29.04 -16.91 20.86
N GLN B 129 29.98 -16.02 20.55
CA GLN B 129 30.27 -14.89 21.44
C GLN B 129 29.18 -13.83 21.40
N PRO B 130 28.99 -13.10 22.52
CA PRO B 130 27.91 -12.13 22.58
C PRO B 130 28.17 -10.87 21.78
N VAL B 131 27.14 -10.33 21.15
CA VAL B 131 27.22 -9.01 20.59
C VAL B 131 26.98 -7.99 21.71
N THR B 132 27.94 -7.10 21.91
CA THR B 132 27.95 -6.22 23.09
C THR B 132 28.06 -4.76 22.70
N VAL B 133 27.83 -3.91 23.69
CA VAL B 133 27.99 -2.46 23.53
C VAL B 133 29.45 -2.16 23.22
N ASP B 134 30.36 -2.92 23.80
CA ASP B 134 31.79 -2.78 23.48
C ASP B 134 32.06 -3.02 21.99
N ASP B 135 31.37 -3.97 21.37
CA ASP B 135 31.49 -4.16 19.90
C ASP B 135 31.04 -2.92 19.10
N VAL B 136 29.96 -2.29 19.53
CA VAL B 136 29.46 -1.09 18.88
C VAL B 136 30.48 0.03 19.00
N LEU B 137 31.02 0.25 20.21
CA LEU B 137 32.02 1.31 20.40
C LEU B 137 33.27 1.05 19.54
N PHE B 138 33.71 -0.21 19.52
CA PHE B 138 34.85 -0.64 18.70
C PHE B 138 34.59 -0.34 17.22
N THR B 139 33.36 -0.63 16.80
CA THR B 139 32.98 -0.50 15.41
C THR B 139 33.20 0.92 14.93
N TYR B 140 32.76 1.92 15.71
CA TYR B 140 32.87 3.36 15.30
C TYR B 140 34.33 3.84 15.35
N ASP B 141 35.06 3.34 16.35
CA ASP B 141 36.51 3.52 16.40
C ASP B 141 37.19 3.03 15.10
N ILE B 142 37.11 1.73 14.82
CA ILE B 142 37.91 1.17 13.72
C ILE B 142 37.47 1.63 12.35
N LEU B 143 36.16 1.79 12.14
CA LEU B 143 35.68 2.28 10.84
C LEU B 143 36.06 3.73 10.56
N THR B 144 36.10 4.56 11.59
CA THR B 144 36.59 5.92 11.46
C THR B 144 38.08 5.92 11.08
N GLU B 145 38.89 5.14 11.79
CA GLU B 145 40.31 5.10 11.56
C GLU B 145 40.67 4.43 10.23
N LYS B 146 39.99 3.35 9.89
CA LYS B 146 40.41 2.51 8.77
C LYS B 146 39.42 2.29 7.65
N GLY B 147 38.16 2.70 7.85
CA GLY B 147 37.13 2.47 6.86
C GLY B 147 37.14 3.43 5.69
N ARG B 148 36.49 3.03 4.61
CA ARG B 148 36.27 3.87 3.47
C ARG B 148 34.99 4.68 3.65
N PRO B 149 34.85 5.79 2.91
CA PRO B 149 33.57 6.48 2.85
C PRO B 149 32.52 5.52 2.41
N PRO B 150 31.31 5.65 2.95
CA PRO B 150 30.85 6.61 3.95
C PRO B 150 31.10 6.18 5.40
N TYR B 151 31.60 4.95 5.59
CA TYR B 151 31.67 4.37 6.94
C TYR B 151 32.59 5.16 7.85
N ASN B 152 33.57 5.85 7.30
CA ASN B 152 34.50 6.63 8.11
C ASN B 152 34.04 8.06 8.37
N SER B 153 32.87 8.45 7.86
CA SER B 153 32.46 9.84 8.04
C SER B 153 31.46 10.05 9.20
N ARG B 154 30.99 9.00 9.84
CA ARG B 154 29.88 9.12 10.81
C ARG B 154 30.27 9.93 12.06
N MET B 155 31.48 9.68 12.56
CA MET B 155 31.89 10.25 13.83
C MET B 155 32.08 11.77 13.80
N SER B 156 32.33 12.36 12.63
CA SER B 156 32.39 13.82 12.53
C SER B 156 31.07 14.47 12.95
N ARG B 157 30.00 13.70 12.95
CA ARG B 157 28.67 14.15 13.42
C ARG B 157 28.33 13.77 14.88
N VAL B 158 29.21 13.03 15.52
CA VAL B 158 28.89 12.47 16.82
C VAL B 158 29.70 13.18 17.89
N ALA B 159 29.03 13.76 18.87
CA ALA B 159 29.75 14.37 20.02
C ALA B 159 30.26 13.33 21.00
N LYS B 160 29.45 12.32 21.33
CA LYS B 160 29.79 11.30 22.30
C LYS B 160 29.06 10.02 21.94
N ILE B 161 29.72 8.88 22.12
CA ILE B 161 29.05 7.60 22.15
C ILE B 161 29.32 7.07 23.54
N GLU B 162 28.28 6.68 24.27
CA GLU B 162 28.49 6.13 25.60
C GLU B 162 27.60 4.94 25.93
N LYS B 163 28.16 4.03 26.73
CA LYS B 163 27.45 2.93 27.28
C LYS B 163 26.61 3.49 28.40
N THR B 164 25.30 3.19 28.39
CA THR B 164 24.38 3.72 29.40
C THR B 164 23.70 2.62 30.25
N GLY B 165 23.97 1.36 29.98
CA GLY B 165 23.41 0.26 30.75
C GLY B 165 24.10 -1.00 30.31
N GLU B 166 23.70 -2.15 30.85
CA GLU B 166 24.37 -3.41 30.56
C GLU B 166 24.46 -3.62 29.07
N ARG B 167 23.39 -3.26 28.38
CA ARG B 167 23.23 -3.51 26.96
C ARG B 167 22.80 -2.27 26.14
N SER B 168 22.97 -1.07 26.71
CA SER B 168 22.48 0.16 26.09
C SER B 168 23.58 1.10 25.66
N VAL B 169 23.39 1.70 24.49
CA VAL B 169 24.40 2.62 23.97
C VAL B 169 23.73 3.85 23.40
N ARG B 170 24.24 5.02 23.80
CA ARG B 170 23.66 6.28 23.37
C ARG B 170 24.63 7.08 22.50
N PHE B 171 24.16 7.52 21.34
CA PHE B 171 24.90 8.42 20.45
C PHE B 171 24.34 9.82 20.67
N THR B 172 25.19 10.77 21.02
CA THR B 172 24.79 12.19 21.10
C THR B 172 25.45 12.92 19.96
N PHE B 173 24.64 13.66 19.20
CA PHE B 173 25.10 14.30 17.98
C PHE B 173 25.51 15.76 18.20
N ASN B 174 26.32 16.26 17.28
CA ASN B 174 26.79 17.64 17.30
C ASN B 174 26.05 18.45 16.24
N GLU B 175 26.44 19.71 16.11
CA GLU B 175 25.71 20.64 15.27
C GLU B 175 25.82 20.33 13.77
N LYS B 176 26.76 19.49 13.35
CA LYS B 176 26.79 19.05 11.95
C LYS B 176 25.75 17.98 11.60
N SER B 177 25.09 17.42 12.60
CA SER B 177 24.07 16.40 12.39
C SER B 177 22.79 17.00 11.85
N ASP B 178 21.93 16.16 11.29
CA ASP B 178 20.62 16.58 10.83
C ASP B 178 19.61 15.51 11.20
N ARG B 179 18.34 15.74 10.83
CA ARG B 179 17.29 14.85 11.27
C ARG B 179 17.38 13.44 10.69
N GLU B 180 17.94 13.31 9.50
CA GLU B 180 18.18 11.99 8.92
C GLU B 180 19.33 11.20 9.61
N PHE B 181 20.32 11.89 10.20
CA PHE B 181 21.55 11.20 10.62
C PHE B 181 21.33 10.00 11.54
N PRO B 182 20.39 10.10 12.49
CA PRO B 182 20.19 8.91 13.34
C PRO B 182 19.73 7.72 12.57
N MET B 183 18.97 7.93 11.48
CA MET B 183 18.58 6.82 10.60
C MET B 183 19.82 6.07 10.04
N LEU B 184 20.91 6.79 9.83
CA LEU B 184 22.12 6.21 9.23
C LEU B 184 22.88 5.38 10.27
N ILE B 185 22.87 5.85 11.50
CA ILE B 185 23.47 5.12 12.59
C ILE B 185 22.74 3.79 12.78
N ALA B 186 21.41 3.85 12.73
CA ALA B 186 20.56 2.69 12.97
C ALA B 186 20.59 1.66 11.85
N GLY B 187 20.57 2.14 10.60
CA GLY B 187 20.43 1.28 9.45
C GLY B 187 21.51 1.32 8.39
N SER B 188 22.50 2.20 8.49
CA SER B 188 23.56 2.24 7.48
C SER B 188 24.97 2.13 8.08
N MET B 189 25.07 1.39 9.18
CA MET B 189 26.37 1.02 9.71
C MET B 189 26.27 -0.41 10.20
N PRO B 190 27.34 -1.18 10.03
CA PRO B 190 27.37 -2.49 10.63
C PRO B 190 27.64 -2.44 12.13
N VAL B 191 27.58 -3.63 12.76
CA VAL B 191 28.24 -3.87 14.01
C VAL B 191 29.25 -4.99 13.77
N LEU B 192 30.50 -4.72 14.19
CA LEU B 192 31.68 -5.54 14.00
C LEU B 192 32.14 -6.19 15.30
N PRO B 193 32.72 -7.40 15.20
CA PRO B 193 33.17 -8.13 16.37
C PRO B 193 34.60 -7.78 16.80
N LYS B 194 34.73 -7.03 17.89
CA LYS B 194 36.01 -6.67 18.45
C LYS B 194 36.90 -7.88 18.62
N HIS B 195 36.34 -8.96 19.16
CA HIS B 195 37.13 -10.13 19.53
C HIS B 195 37.64 -10.87 18.32
N ALA B 196 37.04 -10.69 17.16
CA ALA B 196 37.39 -11.51 16.00
C ALA B 196 38.08 -10.76 14.88
N ILE B 197 38.43 -9.50 15.11
CA ILE B 197 39.12 -8.73 14.07
C ILE B 197 40.55 -8.45 14.47
N ASN B 198 41.46 -8.71 13.53
CA ASN B 198 42.88 -8.41 13.70
C ASN B 198 43.10 -6.98 13.26
N ARG B 199 43.29 -6.10 14.22
CA ARG B 199 43.38 -4.68 13.94
C ARG B 199 44.62 -4.40 13.12
N ASP B 200 45.68 -5.21 13.28
CA ASP B 200 46.91 -4.97 12.53
C ASP B 200 46.65 -5.15 11.05
N THR B 201 45.83 -6.13 10.65
CA THR B 201 45.58 -6.32 9.22
C THR B 201 44.28 -5.72 8.68
N PHE B 202 43.40 -5.21 9.54
CA PHE B 202 42.10 -4.68 9.07
C PHE B 202 42.38 -3.49 8.13
N GLY B 203 41.89 -3.58 6.90
CA GLY B 203 42.25 -2.60 5.88
C GLY B 203 42.93 -3.18 4.65
N ASN B 204 43.59 -4.33 4.81
CA ASN B 204 44.16 -5.06 3.68
C ASN B 204 43.11 -5.86 2.91
N SER B 205 43.39 -6.17 1.65
CA SER B 205 42.68 -7.24 0.95
C SER B 205 42.79 -8.54 1.75
N THR B 206 41.73 -9.34 1.81
CA THR B 206 41.78 -10.54 2.62
C THR B 206 40.79 -11.60 2.16
N LEU B 207 41.23 -12.87 2.19
CA LEU B 207 40.37 -14.00 1.91
C LEU B 207 40.14 -14.86 3.14
N GLU B 208 40.47 -14.34 4.31
CA GLU B 208 40.12 -15.01 5.56
C GLU B 208 38.61 -14.86 5.83
N PRO B 209 37.88 -15.99 6.01
CA PRO B 209 36.43 -15.90 6.25
C PRO B 209 36.15 -15.01 7.44
N PRO B 210 35.35 -13.96 7.27
CA PRO B 210 35.12 -13.08 8.40
C PRO B 210 33.92 -13.60 9.22
N ILE B 211 33.88 -13.20 10.49
CA ILE B 211 32.82 -13.51 11.44
C ILE B 211 31.84 -12.33 11.48
N GLY B 212 30.54 -12.61 11.33
CA GLY B 212 29.49 -11.62 11.58
C GLY B 212 28.41 -12.19 12.48
N SER B 213 27.36 -11.42 12.69
CA SER B 213 26.21 -11.88 13.48
C SER B 213 25.02 -12.39 12.60
N GLY B 214 25.17 -12.26 11.29
CA GLY B 214 24.08 -12.60 10.37
C GLY B 214 23.78 -14.09 10.28
N PRO B 215 22.70 -14.43 9.57
CA PRO B 215 22.21 -15.79 9.45
C PRO B 215 23.05 -16.75 8.62
N TYR B 216 23.92 -16.22 7.74
CA TYR B 216 24.77 -17.05 6.88
C TYR B 216 26.25 -16.88 7.24
N VAL B 217 26.99 -17.99 7.26
CA VAL B 217 28.44 -17.94 7.44
C VAL B 217 29.11 -18.22 6.11
N VAL B 218 30.30 -17.68 5.93
CA VAL B 218 31.12 -17.93 4.76
C VAL B 218 31.72 -19.35 4.88
N ALA B 219 31.22 -20.30 4.08
CA ALA B 219 31.60 -21.69 4.15
C ALA B 219 32.74 -22.04 3.23
N SER B 220 32.82 -21.39 2.08
CA SER B 220 33.79 -21.73 1.04
C SER B 220 34.06 -20.48 0.17
N VAL B 221 35.33 -20.27 -0.21
CA VAL B 221 35.75 -19.12 -1.01
C VAL B 221 36.71 -19.61 -2.11
N GLN B 222 36.34 -19.41 -3.37
CA GLN B 222 37.18 -19.69 -4.53
C GLN B 222 37.30 -18.39 -5.31
N PRO B 223 38.40 -17.67 -5.09
CA PRO B 223 38.50 -16.29 -5.58
C PRO B 223 38.33 -16.23 -7.07
N GLY B 224 37.58 -15.25 -7.54
CA GLY B 224 37.30 -15.10 -8.96
C GLY B 224 36.26 -16.07 -9.52
N GLN B 225 35.74 -16.97 -8.68
CA GLN B 225 34.89 -18.06 -9.14
C GLN B 225 33.58 -18.14 -8.35
N ARG B 226 33.65 -18.15 -7.02
CA ARG B 226 32.47 -18.49 -6.20
C ARG B 226 32.69 -18.21 -4.72
N ILE B 227 31.65 -17.71 -4.05
CA ILE B 227 31.56 -17.70 -2.59
C ILE B 227 30.32 -18.52 -2.16
N VAL B 228 30.47 -19.39 -1.18
CA VAL B 228 29.38 -20.24 -0.71
C VAL B 228 29.02 -19.82 0.72
N TYR B 229 27.75 -19.51 0.93
CA TYR B 229 27.22 -19.21 2.23
C TYR B 229 26.36 -20.36 2.75
N LYS B 230 26.53 -20.67 4.03
CA LYS B 230 25.70 -21.69 4.69
C LYS B 230 24.98 -21.08 5.88
N ARG B 231 23.70 -21.42 6.03
CA ARG B 231 22.88 -20.85 7.12
C ARG B 231 23.34 -21.40 8.47
N ASN B 232 23.50 -20.54 9.44
CA ASN B 232 23.85 -20.97 10.79
C ASN B 232 22.60 -21.51 11.46
N PRO B 233 22.55 -22.83 11.78
CA PRO B 233 21.34 -23.32 12.43
C PRO B 233 21.07 -22.68 13.79
N ASP B 234 22.07 -22.08 14.43
CA ASP B 234 21.89 -21.41 15.71
C ASP B 234 21.92 -19.90 15.55
N TYR B 235 21.66 -19.39 14.36
CA TYR B 235 21.53 -17.94 14.12
C TYR B 235 20.72 -17.31 15.27
N TRP B 236 21.29 -16.34 15.97
CA TRP B 236 20.66 -15.76 17.17
C TRP B 236 19.28 -15.10 16.88
N GLY B 237 19.08 -14.62 15.65
CA GLY B 237 17.86 -13.88 15.29
C GLY B 237 16.77 -14.74 14.68
N LYS B 238 16.97 -16.06 14.68
CA LYS B 238 16.11 -16.96 13.97
C LYS B 238 14.63 -16.82 14.36
N ASP B 239 14.33 -16.48 15.60
CA ASP B 239 12.94 -16.40 16.00
C ASP B 239 12.38 -14.97 16.06
N LEU B 240 13.11 -13.97 15.60
CA LEU B 240 12.56 -12.59 15.62
C LEU B 240 11.43 -12.46 14.60
N PRO B 241 10.37 -11.74 15.00
CA PRO B 241 9.38 -11.33 13.97
C PRO B 241 9.99 -10.62 12.75
N SER B 242 11.01 -9.80 12.96
CA SER B 242 11.64 -9.09 11.83
C SER B 242 12.47 -10.02 10.94
N GLN B 243 12.64 -11.28 11.35
CA GLN B 243 13.36 -12.28 10.52
C GLN B 243 12.44 -13.43 10.04
N ARG B 244 11.17 -13.39 10.40
CA ARG B 244 10.26 -14.47 10.03
C ARG B 244 9.92 -14.46 8.52
N GLY B 245 10.10 -15.60 7.87
CA GLY B 245 10.02 -15.71 6.41
C GLY B 245 11.21 -15.22 5.58
N PHE B 246 12.32 -14.88 6.23
CA PHE B 246 13.57 -14.57 5.56
C PHE B 246 14.57 -15.73 5.79
N ASN B 247 15.66 -15.72 5.03
CA ASN B 247 16.77 -16.65 5.28
C ASN B 247 16.27 -18.08 5.10
N ASN B 248 15.49 -18.30 4.06
CA ASN B 248 14.88 -19.59 3.86
C ASN B 248 15.81 -20.63 3.19
N PHE B 249 16.74 -20.18 2.35
CA PHE B 249 17.68 -21.10 1.75
C PHE B 249 18.70 -21.55 2.80
N ASP B 250 19.00 -22.84 2.86
CA ASP B 250 20.02 -23.29 3.81
C ASP B 250 21.42 -23.08 3.26
N LYS B 251 21.51 -22.76 1.98
CA LYS B 251 22.78 -22.51 1.33
C LYS B 251 22.56 -21.55 0.16
N ILE B 252 23.48 -20.59 0.00
CA ILE B 252 23.44 -19.64 -1.11
C ILE B 252 24.83 -19.54 -1.69
N SER B 253 24.96 -19.86 -2.99
CA SER B 253 26.23 -19.75 -3.71
C SER B 253 26.11 -18.63 -4.74
N ILE B 254 27.11 -17.76 -4.74
CA ILE B 254 27.23 -16.68 -5.71
C ILE B 254 28.42 -16.96 -6.60
N GLU B 255 28.12 -17.24 -7.86
CA GLU B 255 29.12 -17.58 -8.86
C GLU B 255 29.43 -16.41 -9.75
N TYR B 256 30.68 -16.33 -10.16
CA TYR B 256 31.16 -15.19 -10.90
C TYR B 256 31.45 -15.56 -12.36
N TYR B 257 30.96 -14.75 -13.30
CA TYR B 257 31.08 -15.02 -14.74
C TYR B 257 31.76 -13.85 -15.41
N ARG B 258 32.40 -14.10 -16.54
CA ARG B 258 33.13 -13.06 -17.27
C ARG B 258 32.21 -12.09 -18.03
N ASN B 259 30.99 -12.50 -18.36
CA ASN B 259 30.06 -11.62 -19.07
C ASN B 259 28.64 -12.19 -18.93
N GLU B 260 27.66 -11.41 -19.39
CA GLU B 260 26.26 -11.80 -19.25
C GLU B 260 25.83 -13.02 -20.06
N THR B 261 26.45 -13.24 -21.22
CA THR B 261 26.08 -14.33 -22.09
C THR B 261 26.46 -15.66 -21.47
N SER B 262 27.67 -15.71 -20.94
CA SER B 262 28.17 -16.85 -20.20
C SER B 262 27.23 -17.17 -19.02
N LEU B 263 26.82 -16.11 -18.32
CA LEU B 263 25.94 -16.24 -17.18
C LEU B 263 24.59 -16.82 -17.60
N PHE B 264 24.01 -16.21 -18.64
CA PHE B 264 22.70 -16.62 -19.18
C PHE B 264 22.72 -18.10 -19.60
N GLU B 265 23.79 -18.51 -20.27
CA GLU B 265 23.92 -19.92 -20.68
C GLU B 265 23.91 -20.85 -19.48
N SER B 266 24.57 -20.43 -18.40
CA SER B 266 24.63 -21.25 -17.22
C SER B 266 23.22 -21.32 -16.54
N PHE B 267 22.45 -20.23 -16.62
CA PHE B 267 21.05 -20.26 -16.18
C PHE B 267 20.23 -21.24 -17.01
N LYS B 268 20.38 -21.19 -18.33
CA LYS B 268 19.66 -22.13 -19.19
C LYS B 268 20.03 -23.58 -18.91
N LYS B 269 21.28 -23.85 -18.55
CA LYS B 269 21.71 -25.22 -18.27
C LYS B 269 21.18 -25.70 -16.92
N GLY B 270 20.61 -24.80 -16.12
CA GLY B 270 20.10 -25.18 -14.79
C GLY B 270 21.14 -25.09 -13.69
N ILE B 271 22.33 -24.57 -13.99
CA ILE B 271 23.38 -24.39 -12.99
C ILE B 271 23.03 -23.20 -12.07
N LEU B 272 22.49 -22.14 -12.63
CA LEU B 272 21.96 -21.04 -11.85
C LEU B 272 20.45 -21.18 -11.75
N ASP B 273 19.90 -20.85 -10.58
CA ASP B 273 18.48 -21.04 -10.31
C ASP B 273 17.59 -19.90 -10.79
N ILE B 274 18.16 -18.70 -10.91
CA ILE B 274 17.43 -17.51 -11.38
C ILE B 274 18.30 -16.70 -12.30
N PHE B 275 17.67 -15.77 -13.00
CA PHE B 275 18.38 -14.83 -13.83
C PHE B 275 17.66 -13.49 -13.77
N ILE B 276 18.36 -12.48 -13.29
CA ILE B 276 17.80 -11.16 -13.14
C ILE B 276 18.05 -10.46 -14.46
N GLU B 277 16.97 -10.09 -15.15
CA GLU B 277 17.06 -9.58 -16.51
C GLU B 277 16.90 -8.06 -16.60
N GLY B 278 17.94 -7.41 -17.12
CA GLY B 278 17.91 -5.98 -17.40
C GLY B 278 17.93 -5.64 -18.88
N ASN B 279 18.01 -6.65 -19.75
CA ASN B 279 18.06 -6.44 -21.19
C ASN B 279 16.71 -6.78 -21.88
N PRO B 280 15.99 -5.76 -22.36
CA PRO B 280 14.65 -5.96 -22.92
C PRO B 280 14.59 -6.77 -24.22
N ILE B 281 15.65 -6.71 -25.02
CA ILE B 281 15.72 -7.50 -26.24
C ILE B 281 15.88 -8.99 -25.88
N ARG B 282 16.78 -9.30 -24.95
CA ARG B 282 16.94 -10.69 -24.49
C ARG B 282 15.62 -11.22 -23.88
N TRP B 283 14.99 -10.41 -23.03
CA TRP B 283 13.74 -10.80 -22.38
C TRP B 283 12.69 -11.14 -23.45
N GLU B 284 12.60 -10.33 -24.48
CA GLU B 284 11.60 -10.51 -25.50
C GLU B 284 11.95 -11.69 -26.42
N LYS B 285 13.22 -11.86 -26.79
CA LYS B 285 13.62 -12.74 -27.89
C LYS B 285 14.20 -14.11 -27.47
N LEU B 286 14.92 -14.16 -26.35
CA LEU B 286 15.74 -15.33 -26.07
C LEU B 286 15.24 -16.28 -25.00
N TYR B 287 13.99 -16.14 -24.58
CA TYR B 287 13.41 -17.06 -23.61
C TYR B 287 12.44 -18.01 -24.31
N ASP B 288 12.82 -18.38 -25.53
CA ASP B 288 12.07 -19.32 -26.37
C ASP B 288 12.62 -20.72 -26.27
N PHE B 289 13.25 -21.09 -25.16
CA PHE B 289 13.84 -22.41 -25.03
C PHE B 289 12.84 -23.33 -24.33
N PRO B 290 12.98 -24.67 -24.51
CA PRO B 290 11.94 -25.63 -24.10
C PRO B 290 11.48 -25.54 -22.66
N ALA B 291 12.41 -25.38 -21.72
CA ALA B 291 12.06 -25.26 -20.30
C ALA B 291 11.00 -24.17 -20.05
N VAL B 292 11.09 -23.06 -20.78
CA VAL B 292 10.15 -21.98 -20.58
C VAL B 292 8.78 -22.43 -21.10
N GLU B 293 8.77 -23.04 -22.28
CA GLU B 293 7.50 -23.54 -22.89
C GLU B 293 6.89 -24.65 -22.01
N GLN B 294 7.73 -25.45 -21.37
CA GLN B 294 7.25 -26.50 -20.50
C GLN B 294 6.87 -26.00 -19.12
N GLY B 295 7.13 -24.73 -18.84
CA GLY B 295 6.85 -24.17 -17.52
C GLY B 295 7.86 -24.49 -16.44
N LYS B 296 9.00 -25.11 -16.80
CA LYS B 296 10.05 -25.42 -15.83
C LYS B 296 10.82 -24.17 -15.45
N VAL B 297 10.93 -23.23 -16.39
CA VAL B 297 11.43 -21.88 -16.15
C VAL B 297 10.24 -20.89 -16.30
N ILE B 298 10.07 -20.06 -15.28
CA ILE B 298 8.98 -19.09 -15.21
C ILE B 298 9.57 -17.68 -15.30
N LYS B 299 9.03 -16.88 -16.21
CA LYS B 299 9.39 -15.47 -16.34
C LYS B 299 8.47 -14.64 -15.44
N ASP B 300 9.01 -14.08 -14.35
CA ASP B 300 8.26 -13.20 -13.45
C ASP B 300 8.43 -11.71 -13.84
N THR B 301 7.37 -10.93 -13.69
CA THR B 301 7.42 -9.49 -13.91
C THR B 301 6.92 -8.82 -12.67
N PHE B 302 7.66 -7.84 -12.19
CA PHE B 302 7.28 -7.13 -10.97
C PHE B 302 7.12 -5.64 -11.28
N GLU B 303 6.35 -4.97 -10.42
CA GLU B 303 6.31 -3.54 -10.40
C GLU B 303 6.78 -3.08 -9.06
N LYS B 304 7.17 -1.83 -8.98
CA LYS B 304 7.63 -1.24 -7.70
C LYS B 304 7.17 0.19 -7.63
N GLY B 305 7.04 0.71 -6.42
CA GLY B 305 6.59 2.08 -6.18
C GLY B 305 7.70 3.02 -5.81
N THR B 306 8.94 2.52 -5.77
CA THR B 306 10.10 3.42 -5.71
C THR B 306 10.32 4.07 -7.12
N PRO B 307 10.80 5.32 -7.17
CA PRO B 307 10.89 6.00 -8.46
C PRO B 307 11.90 5.42 -9.43
N ALA B 308 11.66 5.68 -10.70
CA ALA B 308 12.60 5.34 -11.75
C ALA B 308 13.63 6.48 -11.84
N ASP B 309 14.88 6.15 -12.02
CA ASP B 309 15.93 7.15 -12.18
C ASP B 309 15.72 8.00 -13.42
N MET B 310 16.06 9.28 -13.32
CA MET B 310 16.01 10.19 -14.48
C MET B 310 17.10 9.88 -15.46
N LEU B 311 16.74 9.89 -16.74
CA LEU B 311 17.67 10.03 -17.85
C LEU B 311 17.11 11.14 -18.72
N GLY B 312 17.90 12.15 -19.03
CA GLY B 312 17.40 13.27 -19.86
C GLY B 312 18.53 14.02 -20.52
N PHE B 313 18.20 14.76 -21.56
CA PHE B 313 19.14 15.71 -22.10
C PHE B 313 19.14 16.87 -21.11
N VAL B 314 20.31 17.44 -20.87
CA VAL B 314 20.46 18.51 -19.91
C VAL B 314 20.93 19.78 -20.62
N PHE B 315 20.22 20.87 -20.42
CA PHE B 315 20.62 22.18 -20.93
C PHE B 315 21.58 22.84 -19.94
N ASN B 316 22.76 23.28 -20.42
CA ASN B 316 23.58 24.16 -19.61
C ASN B 316 23.11 25.62 -19.62
N THR B 317 22.33 26.00 -18.59
CA THR B 317 21.68 27.31 -18.56
C THR B 317 22.71 28.43 -18.34
N ARG B 318 23.96 28.07 -18.01
CA ARG B 318 25.05 29.08 -17.94
C ARG B 318 25.40 29.61 -19.34
N ARG B 319 25.10 28.88 -20.40
CA ARG B 319 25.36 29.35 -21.77
C ARG B 319 24.21 30.24 -22.26
N PRO B 320 24.51 31.41 -22.79
CA PRO B 320 23.44 32.28 -23.14
C PRO B 320 22.40 31.64 -24.04
N ILE B 321 22.83 30.76 -24.94
CA ILE B 321 21.88 30.10 -25.85
C ILE B 321 20.72 29.43 -25.13
N PHE B 322 20.95 29.04 -23.87
CA PHE B 322 19.97 28.27 -23.14
C PHE B 322 19.54 28.98 -21.86
N ALA B 323 19.76 30.28 -21.76
CA ALA B 323 19.38 31.00 -20.54
C ALA B 323 17.88 31.24 -20.42
N ASP B 324 17.17 31.24 -21.54
CA ASP B 324 15.77 31.67 -21.54
C ASP B 324 14.87 30.45 -21.40
N ARG B 325 14.06 30.42 -20.36
CA ARG B 325 13.27 29.19 -20.11
C ARG B 325 12.23 28.86 -21.19
N ARG B 326 11.80 29.86 -21.94
CA ARG B 326 10.90 29.62 -23.06
C ARG B 326 11.63 28.87 -24.16
N VAL B 327 12.92 29.18 -24.37
CA VAL B 327 13.68 28.50 -25.36
C VAL B 327 13.91 27.00 -24.96
N ARG B 328 14.29 26.77 -23.71
CA ARG B 328 14.41 25.38 -23.21
C ARG B 328 13.07 24.63 -23.36
N GLN B 329 11.98 25.30 -23.05
CA GLN B 329 10.65 24.67 -23.08
C GLN B 329 10.33 24.26 -24.51
N ALA B 330 10.57 25.18 -25.46
CA ALA B 330 10.38 24.89 -26.88
C ALA B 330 11.19 23.68 -27.31
N LEU B 331 12.49 23.67 -26.99
CA LEU B 331 13.34 22.56 -27.43
C LEU B 331 12.97 21.21 -26.83
N GLY B 332 12.55 21.23 -25.58
CA GLY B 332 12.01 20.07 -24.94
C GLY B 332 10.80 19.43 -25.62
N LEU B 333 9.98 20.24 -26.30
CA LEU B 333 8.78 19.74 -26.96
C LEU B 333 9.14 18.91 -28.18
N LEU B 334 10.37 19.08 -28.68
CA LEU B 334 10.71 18.54 -30.00
C LEU B 334 11.23 17.11 -29.99
N PHE B 335 11.60 16.59 -28.82
CA PHE B 335 12.03 15.22 -28.76
C PHE B 335 10.82 14.29 -29.00
N ASP B 336 10.92 13.44 -30.01
CA ASP B 336 9.81 12.53 -30.37
C ASP B 336 10.04 11.16 -29.77
N PHE B 337 9.53 10.95 -28.57
CA PHE B 337 9.74 9.72 -27.86
C PHE B 337 9.02 8.57 -28.53
N GLU B 338 7.83 8.83 -29.03
CA GLU B 338 7.09 7.73 -29.63
C GLU B 338 7.79 7.16 -30.86
N TRP B 339 8.33 8.02 -31.69
CA TRP B 339 9.17 7.54 -32.80
C TRP B 339 10.35 6.72 -32.29
N ALA B 340 11.08 7.25 -31.29
CA ALA B 340 12.25 6.56 -30.81
C ALA B 340 11.90 5.19 -30.23
N ASN B 341 10.82 5.13 -29.47
CA ASN B 341 10.48 3.89 -28.81
C ASN B 341 10.21 2.84 -29.89
N SER B 342 9.42 3.23 -30.85
CA SER B 342 8.95 2.32 -31.88
C SER B 342 10.07 1.85 -32.82
N ASN B 343 10.93 2.78 -33.23
CA ASN B 343 11.97 2.50 -34.23
C ASN B 343 13.30 2.08 -33.66
N LEU B 344 13.64 2.46 -32.42
CA LEU B 344 14.94 2.13 -31.84
C LEU B 344 14.87 1.07 -30.77
N PHE B 345 13.76 1.02 -30.03
CA PHE B 345 13.72 0.28 -28.77
C PHE B 345 12.60 -0.75 -28.72
N ALA B 346 12.03 -1.10 -29.88
CA ALA B 346 11.00 -2.11 -30.00
C ALA B 346 9.83 -1.89 -29.04
N GLY B 347 9.50 -0.63 -28.75
CA GLY B 347 8.36 -0.31 -27.90
C GLY B 347 8.54 -0.59 -26.41
N GLN B 348 9.74 -0.92 -25.95
CA GLN B 348 9.89 -1.45 -24.58
C GLN B 348 9.95 -0.39 -23.48
N TYR B 349 10.23 0.86 -23.84
CA TYR B 349 10.38 1.89 -22.82
C TYR B 349 9.09 2.61 -22.56
N ARG B 350 9.08 3.30 -21.42
CA ARG B 350 8.04 4.23 -21.07
C ARG B 350 8.64 5.61 -20.87
N ARG B 351 7.87 6.64 -21.22
CA ARG B 351 8.32 8.01 -21.14
C ARG B 351 8.53 8.38 -19.68
N THR B 352 9.62 9.07 -19.38
CA THR B 352 9.82 9.61 -18.04
C THR B 352 9.28 11.04 -18.02
N GLN B 353 8.48 11.40 -17.01
CA GLN B 353 7.92 12.74 -16.91
C GLN B 353 8.36 13.56 -15.70
N SER B 354 8.63 12.90 -14.57
CA SER B 354 8.91 13.51 -13.26
C SER B 354 10.30 13.10 -12.79
N PHE B 355 10.88 13.93 -11.95
CA PHE B 355 12.09 13.63 -11.24
C PHE B 355 11.83 12.62 -10.09
N TRP B 356 10.58 12.25 -9.84
CA TRP B 356 10.26 11.09 -8.96
C TRP B 356 9.29 10.15 -9.67
N GLU B 357 9.58 9.98 -10.96
CA GLU B 357 8.79 9.15 -11.87
C GLU B 357 8.37 7.79 -11.30
N GLY B 358 7.09 7.53 -11.42
CA GLY B 358 6.48 6.27 -10.99
C GLY B 358 6.20 6.12 -9.49
N SER B 359 6.37 7.16 -8.70
CA SER B 359 6.20 7.08 -7.24
C SER B 359 5.18 8.12 -6.77
N GLN B 360 4.84 8.04 -5.49
CA GLN B 360 3.98 9.03 -4.88
C GLN B 360 4.55 10.45 -4.89
N LEU B 361 5.88 10.58 -4.98
CA LEU B 361 6.53 11.88 -4.94
C LEU B 361 6.43 12.67 -6.27
N SER B 362 5.96 12.04 -7.33
CA SER B 362 5.78 12.69 -8.62
C SER B 362 4.64 13.65 -8.56
N SER B 363 4.83 14.84 -9.11
CA SER B 363 3.75 15.86 -9.15
C SER B 363 2.85 15.72 -10.37
N VAL B 364 3.25 14.87 -11.31
CA VAL B 364 2.61 14.82 -12.60
C VAL B 364 1.19 14.27 -12.51
N GLY B 365 0.23 14.99 -13.11
CA GLY B 365 -1.14 14.53 -13.11
C GLY B 365 -1.83 14.76 -11.79
N ARG B 366 -1.23 15.57 -10.94
CA ARG B 366 -1.84 15.90 -9.63
C ARG B 366 -1.90 17.44 -9.50
N PRO B 367 -3.09 17.98 -9.22
CA PRO B 367 -3.13 19.40 -8.89
C PRO B 367 -2.37 19.69 -7.60
N ALA B 368 -1.72 20.83 -7.53
CA ALA B 368 -0.98 21.23 -6.34
C ALA B 368 -1.96 21.27 -5.11
N ASP B 369 -1.58 20.64 -3.99
CA ASP B 369 -2.42 20.66 -2.78
C ASP B 369 -2.22 21.99 -2.01
N ALA B 370 -2.92 22.14 -0.89
CA ALA B 370 -2.88 23.39 -0.14
C ALA B 370 -1.50 23.73 0.38
N ARG B 371 -0.78 22.72 0.87
CA ARG B 371 0.57 22.95 1.39
C ARG B 371 1.55 23.37 0.25
N GLU B 372 1.51 22.70 -0.90
CA GLU B 372 2.33 23.12 -2.07
C GLU B 372 2.03 24.59 -2.48
N ARG B 373 0.75 24.94 -2.56
CA ARG B 373 0.38 26.29 -2.96
C ARG B 373 0.85 27.32 -1.94
N GLU B 374 0.74 26.99 -0.65
CA GLU B 374 1.33 27.81 0.40
C GLU B 374 2.85 27.99 0.22
N LEU B 375 3.54 26.89 -0.06
CA LEU B 375 5.00 26.94 -0.23
C LEU B 375 5.43 27.78 -1.42
N LEU B 376 4.64 27.71 -2.50
CA LEU B 376 5.03 28.27 -3.77
C LEU B 376 4.53 29.73 -3.95
N ALA B 377 3.61 30.18 -3.09
CA ALA B 377 3.01 31.52 -3.21
C ALA B 377 4.04 32.65 -3.28
N PRO B 378 5.13 32.55 -2.51
CA PRO B 378 6.12 33.60 -2.61
C PRO B 378 6.90 33.63 -3.92
N PHE B 379 6.68 32.70 -4.85
CA PHE B 379 7.51 32.56 -6.02
C PHE B 379 6.63 32.54 -7.25
N PRO B 380 5.98 33.69 -7.55
N PRO B 380 5.89 33.66 -7.48
CA PRO B 380 4.91 33.69 -8.54
CA PRO B 380 5.10 33.71 -8.70
C PRO B 380 5.30 33.22 -9.98
C PRO B 380 6.03 33.57 -9.89
N GLY B 381 6.55 33.37 -10.40
N GLY B 381 5.57 32.84 -10.91
CA GLY B 381 6.95 32.93 -11.74
CA GLY B 381 6.39 32.57 -12.06
C GLY B 381 7.34 31.45 -11.90
C GLY B 381 7.31 31.36 -11.96
N ALA B 382 7.49 30.76 -10.78
CA ALA B 382 8.35 29.55 -10.68
C ALA B 382 7.76 28.30 -11.28
N VAL B 383 6.44 28.19 -11.24
CA VAL B 383 5.74 27.02 -11.73
C VAL B 383 4.75 27.45 -12.81
N ARG B 384 4.75 26.74 -13.90
CA ARG B 384 3.81 26.96 -15.00
C ARG B 384 2.41 26.51 -14.59
N GLU B 385 1.39 27.21 -15.09
CA GLU B 385 0.00 26.87 -14.82
CA GLU B 385 0.03 26.85 -14.71
C GLU B 385 -0.33 25.38 -15.07
N ASP B 386 0.10 24.85 -16.24
CA ASP B 386 -0.21 23.44 -16.55
C ASP B 386 0.47 22.47 -15.54
N VAL B 387 1.66 22.80 -15.08
CA VAL B 387 2.39 21.96 -14.13
C VAL B 387 1.75 22.09 -12.75
N MET B 388 1.30 23.30 -12.41
CA MET B 388 0.64 23.53 -11.13
C MET B 388 -0.71 22.81 -11.02
N ASN B 389 -1.47 22.77 -12.12
CA ASN B 389 -2.80 22.15 -12.11
CA ASN B 389 -2.81 22.17 -12.10
C ASN B 389 -2.80 20.68 -12.44
N GLY B 390 -1.62 20.12 -12.75
CA GLY B 390 -1.50 18.70 -13.05
C GLY B 390 -2.02 18.27 -14.41
N THR B 391 -1.99 19.19 -15.37
CA THR B 391 -2.38 18.84 -16.73
C THR B 391 -1.21 18.75 -17.67
N TRP B 392 -0.01 19.10 -17.20
CA TRP B 392 1.19 18.98 -18.00
C TRP B 392 1.64 17.52 -18.19
N HIS B 393 1.97 17.19 -19.44
CA HIS B 393 2.77 16.03 -19.78
C HIS B 393 3.68 16.41 -20.98
N PRO B 394 4.81 15.74 -21.11
CA PRO B 394 5.53 15.89 -22.34
C PRO B 394 4.64 15.47 -23.51
N PRO B 395 4.89 16.03 -24.69
CA PRO B 395 4.08 15.69 -25.87
C PRO B 395 4.12 14.21 -26.20
N VAL B 396 2.96 13.68 -26.59
CA VAL B 396 2.83 12.34 -27.15
C VAL B 396 2.56 12.53 -28.64
N THR B 397 3.47 12.10 -29.50
CA THR B 397 3.33 12.36 -30.94
C THR B 397 2.60 11.18 -31.56
N ASP B 398 2.38 11.28 -32.87
CA ASP B 398 1.86 10.18 -33.66
C ASP B 398 2.94 9.13 -34.01
N GLY B 399 4.16 9.28 -33.55
CA GLY B 399 5.18 8.31 -33.84
C GLY B 399 5.88 8.49 -35.18
N SER B 400 5.50 9.52 -35.94
CA SER B 400 6.05 9.73 -37.27
C SER B 400 7.48 10.25 -37.30
N GLY B 401 7.93 10.94 -36.26
CA GLY B 401 9.22 11.61 -36.35
C GLY B 401 9.18 13.05 -36.92
N HIS B 402 7.99 13.48 -37.35
CA HIS B 402 7.77 14.84 -37.85
C HIS B 402 6.35 15.29 -37.56
N ASP B 403 5.92 15.21 -36.30
CA ASP B 403 4.55 15.53 -35.93
C ASP B 403 4.45 17.06 -35.80
N ARG B 404 3.53 17.65 -36.56
CA ARG B 404 3.45 19.13 -36.66
C ARG B 404 2.99 19.73 -35.32
N VAL B 405 2.29 18.95 -34.46
CA VAL B 405 1.65 19.55 -33.27
C VAL B 405 2.67 20.09 -32.24
N PRO B 406 3.58 19.25 -31.75
CA PRO B 406 4.59 19.84 -30.85
C PRO B 406 5.48 20.89 -31.54
N ALA B 407 5.76 20.72 -32.84
CA ALA B 407 6.60 21.69 -33.54
C ALA B 407 5.94 23.08 -33.58
N LYS B 408 4.61 23.13 -33.73
CA LYS B 408 3.90 24.42 -33.77
C LYS B 408 3.99 25.12 -32.41
N LYS B 409 3.84 24.35 -31.31
CA LYS B 409 4.00 24.93 -29.97
C LYS B 409 5.44 25.44 -29.72
N ALA B 410 6.43 24.71 -30.21
CA ALA B 410 7.84 25.11 -30.13
C ALA B 410 8.13 26.40 -30.94
N TYR B 411 7.68 26.43 -32.16
CA TYR B 411 7.77 27.61 -33.00
C TYR B 411 7.24 28.85 -32.30
N ASP B 412 6.02 28.74 -31.78
CA ASP B 412 5.37 29.86 -31.09
C ASP B 412 6.16 30.35 -29.88
N LEU B 413 6.65 29.43 -29.04
CA LEU B 413 7.51 29.80 -27.91
C LEU B 413 8.80 30.52 -28.34
N LEU B 414 9.47 30.00 -29.35
CA LEU B 414 10.69 30.63 -29.83
C LEU B 414 10.40 31.99 -30.39
N SER B 415 9.28 32.11 -31.10
CA SER B 415 8.86 33.42 -31.62
C SER B 415 8.57 34.41 -30.48
N GLN B 416 7.89 33.95 -29.42
CA GLN B 416 7.62 34.82 -28.26
C GLN B 416 8.95 35.28 -27.66
N ALA B 417 9.96 34.42 -27.70
CA ALA B 417 11.25 34.76 -27.16
C ALA B 417 12.10 35.61 -28.06
N GLY B 418 11.64 35.95 -29.26
CA GLY B 418 12.37 36.87 -30.13
C GLY B 418 13.13 36.21 -31.28
N PHE B 419 12.92 34.90 -31.50
CA PHE B 419 13.53 34.22 -32.62
C PHE B 419 12.86 34.65 -33.92
N GLN B 420 13.66 34.69 -34.99
CA GLN B 420 13.16 34.80 -36.36
C GLN B 420 13.49 33.54 -37.13
N PHE B 421 12.71 33.29 -38.18
CA PHE B 421 12.88 32.13 -39.00
C PHE B 421 13.01 32.66 -40.42
N LYS B 422 14.24 32.63 -40.91
CA LYS B 422 14.67 33.33 -42.15
C LYS B 422 15.77 32.45 -42.70
N ASP B 423 15.86 32.40 -44.02
CA ASP B 423 16.97 31.69 -44.71
C ASP B 423 17.12 30.20 -44.37
N GLY B 424 16.07 29.54 -43.99
CA GLY B 424 16.18 28.15 -43.63
C GLY B 424 16.65 27.92 -42.22
N MET B 425 16.71 28.98 -41.41
CA MET B 425 17.35 28.86 -40.11
C MET B 425 16.51 29.48 -39.01
N ALA B 426 16.67 28.95 -37.82
CA ALA B 426 16.16 29.58 -36.60
C ALA B 426 17.21 30.56 -36.17
N ILE B 427 16.86 31.82 -36.13
CA ILE B 427 17.76 32.91 -35.81
C ILE B 427 17.41 33.44 -34.39
N ASP B 428 18.40 33.47 -33.51
CA ASP B 428 18.15 33.86 -32.12
C ASP B 428 17.93 35.38 -31.98
N PRO B 429 17.56 35.85 -30.78
CA PRO B 429 17.26 37.28 -30.67
C PRO B 429 18.45 38.21 -30.81
N THR B 430 19.68 37.68 -30.75
CA THR B 430 20.86 38.47 -31.05
C THR B 430 21.29 38.33 -32.48
N ALA B 431 20.41 37.76 -33.31
CA ALA B 431 20.62 37.63 -34.78
C ALA B 431 21.64 36.59 -35.18
N LYS B 432 21.92 35.62 -34.32
CA LYS B 432 22.85 34.53 -34.67
C LYS B 432 22.03 33.30 -35.02
N PRO B 433 22.49 32.50 -35.98
CA PRO B 433 21.82 31.20 -36.18
C PRO B 433 21.92 30.37 -34.91
N PHE B 434 20.83 29.71 -34.55
CA PHE B 434 20.80 28.92 -33.35
C PHE B 434 21.54 27.60 -33.59
N ALA B 435 22.56 27.37 -32.80
CA ALA B 435 23.42 26.20 -32.96
C ALA B 435 23.98 25.78 -31.63
N PHE B 436 24.19 24.49 -31.43
CA PHE B 436 24.84 24.04 -30.21
C PHE B 436 25.37 22.64 -30.35
N GLU B 437 26.13 22.23 -29.35
CA GLU B 437 26.74 20.93 -29.34
C GLU B 437 26.13 20.00 -28.28
N ILE B 438 25.87 18.75 -28.65
CA ILE B 438 25.56 17.73 -27.67
C ILE B 438 26.84 16.91 -27.47
N MET B 439 27.38 16.97 -26.26
CA MET B 439 28.56 16.17 -25.93
C MET B 439 28.06 14.81 -25.44
N THR B 440 28.50 13.76 -26.11
CA THR B 440 28.08 12.39 -25.82
C THR B 440 29.24 11.52 -25.34
N ARG B 441 28.91 10.46 -24.62
CA ARG B 441 29.94 9.56 -24.07
C ARG B 441 30.21 8.33 -24.92
N SER B 442 29.32 7.98 -25.81
CA SER B 442 29.37 6.66 -26.44
C SER B 442 28.51 6.60 -27.67
N PRO B 443 28.64 5.50 -28.46
CA PRO B 443 27.77 5.32 -29.60
C PRO B 443 26.29 5.19 -29.24
N ASP B 444 25.96 4.54 -28.12
CA ASP B 444 24.56 4.53 -27.67
C ASP B 444 23.99 5.95 -27.42
N GLU B 445 24.78 6.82 -26.81
CA GLU B 445 24.32 8.20 -26.60
C GLU B 445 24.16 8.91 -27.97
N GLU B 446 25.09 8.68 -28.86
CA GLU B 446 24.99 9.19 -30.18
C GLU B 446 23.69 8.80 -30.86
N LYS B 447 23.25 7.56 -30.71
CA LYS B 447 22.03 7.14 -31.35
C LYS B 447 20.83 7.99 -30.94
N ILE B 448 20.65 8.24 -29.65
CA ILE B 448 19.48 9.03 -29.20
C ILE B 448 19.66 10.54 -29.53
N ALA B 449 20.89 10.99 -29.49
CA ALA B 449 21.18 12.36 -29.88
C ALA B 449 20.85 12.59 -31.36
N LEU B 450 21.17 11.61 -32.19
CA LEU B 450 20.89 11.66 -33.64
C LEU B 450 19.41 11.79 -33.89
N ALA B 451 18.61 11.07 -33.11
CA ALA B 451 17.16 11.17 -33.28
C ALA B 451 16.66 12.56 -32.87
N TYR B 452 17.15 13.10 -31.75
CA TYR B 452 16.74 14.46 -31.35
C TYR B 452 17.22 15.49 -32.39
N GLN B 453 18.45 15.34 -32.87
CA GLN B 453 19.00 16.24 -33.91
C GLN B 453 18.14 16.31 -35.16
N ARG B 454 17.56 15.20 -35.60
CA ARG B 454 16.62 15.20 -36.75
CA ARG B 454 16.75 15.31 -36.80
C ARG B 454 15.54 16.22 -36.50
N ASN B 455 14.93 16.16 -35.32
CA ASN B 455 13.80 17.04 -35.04
C ASN B 455 14.21 18.51 -34.90
N LEU B 456 15.35 18.74 -34.25
CA LEU B 456 15.83 20.11 -34.06
C LEU B 456 16.18 20.72 -35.40
N SER B 457 16.77 19.92 -36.25
CA SER B 457 17.18 20.37 -37.56
C SER B 457 15.98 20.79 -38.40
N ARG B 458 14.83 20.15 -38.20
CA ARG B 458 13.65 20.52 -38.92
C ARG B 458 13.14 21.91 -38.54
N LEU B 459 13.43 22.38 -37.34
CA LEU B 459 13.05 23.75 -36.98
C LEU B 459 14.13 24.80 -37.32
N GLY B 460 15.18 24.39 -38.01
CA GLY B 460 16.25 25.32 -38.42
C GLY B 460 17.38 25.47 -37.40
N ILE B 461 17.50 24.51 -36.49
CA ILE B 461 18.53 24.54 -35.45
C ILE B 461 19.69 23.59 -35.80
N ALA B 462 20.93 24.08 -35.81
CA ALA B 462 22.11 23.29 -36.20
C ALA B 462 22.75 22.67 -34.95
N VAL B 463 22.74 21.36 -34.88
CA VAL B 463 23.23 20.66 -33.67
C VAL B 463 24.43 19.82 -34.09
N GLU B 464 25.54 19.96 -33.38
CA GLU B 464 26.71 19.06 -33.56
C GLU B 464 26.66 17.97 -32.47
N ILE B 465 26.91 16.74 -32.85
CA ILE B 465 27.05 15.67 -31.89
C ILE B 465 28.50 15.26 -31.84
N HIS B 466 29.12 15.36 -30.66
CA HIS B 466 30.53 15.04 -30.54
CA HIS B 466 30.55 15.02 -30.54
C HIS B 466 30.78 14.13 -29.34
N THR B 467 31.27 12.91 -29.63
CA THR B 467 31.67 11.98 -28.56
C THR B 467 33.10 12.30 -28.08
N VAL B 468 33.26 12.37 -26.77
CA VAL B 468 34.54 12.66 -26.12
C VAL B 468 34.87 11.48 -25.22
N ASP B 469 36.15 11.08 -25.17
CA ASP B 469 36.54 9.92 -24.37
C ASP B 469 36.35 10.20 -22.89
N ASP B 470 36.37 9.14 -22.08
CA ASP B 470 35.94 9.23 -20.71
C ASP B 470 36.67 10.26 -19.85
N ALA B 471 37.99 10.29 -19.88
CA ALA B 471 38.73 11.20 -19.03
C ALA B 471 38.47 12.65 -19.46
N GLN B 472 38.43 12.91 -20.76
CA GLN B 472 38.16 14.27 -21.24
C GLN B 472 36.69 14.66 -21.00
N TYR B 473 35.77 13.72 -21.15
CA TYR B 473 34.34 13.96 -20.87
C TYR B 473 34.17 14.40 -19.40
N GLN B 474 34.78 13.68 -18.47
CA GLN B 474 34.67 14.03 -17.05
C GLN B 474 35.28 15.38 -16.77
N GLN B 475 36.37 15.75 -17.42
CA GLN B 475 36.96 17.10 -17.21
C GLN B 475 35.98 18.19 -17.64
N ARG B 476 35.36 18.00 -18.82
CA ARG B 476 34.38 18.96 -19.29
C ARG B 476 33.11 18.98 -18.43
N LEU B 477 32.72 17.83 -17.90
CA LEU B 477 31.59 17.77 -17.00
C LEU B 477 31.88 18.53 -15.68
N GLN B 478 33.06 18.34 -15.14
CA GLN B 478 33.46 19.01 -13.95
C GLN B 478 33.45 20.53 -14.10
N THR B 479 33.86 21.01 -15.28
CA THR B 479 34.10 22.42 -15.51
C THR B 479 32.85 23.07 -16.17
N PHE B 480 31.78 22.29 -16.32
CA PHE B 480 30.54 22.73 -16.99
C PHE B 480 30.83 23.25 -18.41
N ASP B 481 31.77 22.59 -19.11
CA ASP B 481 32.19 23.04 -20.45
C ASP B 481 31.43 22.25 -21.51
N TYR B 482 30.15 22.59 -21.68
CA TYR B 482 29.29 21.96 -22.65
C TYR B 482 28.05 22.79 -22.82
N ASP B 483 27.35 22.56 -23.93
CA ASP B 483 26.03 23.16 -24.20
C ASP B 483 24.96 22.22 -23.65
N MET B 484 25.02 20.98 -24.10
CA MET B 484 24.06 19.96 -23.74
C MET B 484 24.75 18.62 -23.57
N ILE B 485 24.28 17.83 -22.61
CA ILE B 485 24.74 16.45 -22.38
C ILE B 485 23.52 15.54 -22.13
N LEU B 486 23.76 14.25 -21.98
CA LEU B 486 22.81 13.35 -21.35
C LEU B 486 23.21 13.21 -19.88
N GLY B 487 22.21 13.31 -19.00
CA GLY B 487 22.42 13.26 -17.55
C GLY B 487 21.51 12.24 -16.90
N ALA B 488 22.01 11.59 -15.86
CA ALA B 488 21.25 10.60 -15.10
C ALA B 488 21.15 11.08 -13.64
N LEU B 489 20.05 10.78 -12.96
CA LEU B 489 19.95 11.00 -11.50
C LEU B 489 19.45 9.77 -10.81
N ALA B 490 20.07 9.42 -9.70
CA ALA B 490 19.59 8.34 -8.84
C ALA B 490 18.47 8.85 -7.94
N SER B 491 17.26 8.37 -8.17
CA SER B 491 16.07 8.82 -7.49
C SER B 491 15.72 7.92 -6.31
N SER B 492 15.03 8.45 -5.31
CA SER B 492 14.57 7.60 -4.19
C SER B 492 13.34 8.17 -3.57
N LEU B 493 12.74 7.39 -2.69
CA LEU B 493 11.62 7.83 -1.90
C LEU B 493 12.04 8.72 -0.75
N SER B 494 13.33 8.96 -0.58
CA SER B 494 13.83 9.72 0.57
C SER B 494 14.84 10.77 0.13
N PRO B 495 14.44 11.65 -0.80
CA PRO B 495 15.37 12.72 -1.16
C PRO B 495 15.70 13.56 0.07
N GLY B 496 16.97 13.96 0.14
CA GLY B 496 17.51 14.67 1.32
C GLY B 496 18.64 15.65 0.94
N ASN B 497 19.75 15.59 1.68
CA ASN B 497 20.80 16.60 1.56
CA ASN B 497 20.85 16.54 1.55
C ASN B 497 21.47 16.62 0.18
N GLU B 498 21.52 15.47 -0.51
CA GLU B 498 22.07 15.40 -1.85
C GLU B 498 21.37 16.35 -2.85
N GLN B 499 20.13 16.73 -2.57
CA GLN B 499 19.44 17.64 -3.47
C GLN B 499 20.17 19.01 -3.60
N TRP B 500 20.87 19.47 -2.56
CA TRP B 500 21.60 20.74 -2.62
C TRP B 500 22.68 20.73 -3.71
N LEU B 501 23.41 19.63 -3.85
CA LEU B 501 24.47 19.59 -4.85
C LEU B 501 23.96 19.28 -6.27
N ARG B 502 22.70 18.88 -6.39
CA ARG B 502 22.05 18.72 -7.72
C ARG B 502 21.39 20.00 -8.22
N TRP B 503 20.69 20.70 -7.34
CA TRP B 503 19.83 21.80 -7.72
C TRP B 503 20.04 23.14 -6.98
N GLY B 504 20.81 23.14 -5.90
CA GLY B 504 20.92 24.29 -5.06
C GLY B 504 21.66 25.44 -5.74
N SER B 505 21.29 26.66 -5.43
CA SER B 505 21.85 27.78 -6.15
C SER B 505 23.36 27.93 -5.87
N ALA B 506 23.85 27.64 -4.67
CA ALA B 506 25.30 27.68 -4.42
C ALA B 506 26.06 26.65 -5.27
N SER B 507 25.47 25.49 -5.57
CA SER B 507 26.19 24.50 -6.37
C SER B 507 26.32 24.85 -7.89
N ARG B 508 25.55 25.82 -8.39
CA ARG B 508 25.71 26.26 -9.78
C ARG B 508 27.12 26.69 -10.09
N ASP B 509 27.78 27.39 -9.17
CA ASP B 509 29.13 27.90 -9.42
C ASP B 509 30.24 27.03 -8.86
N VAL B 510 29.94 25.85 -8.36
CA VAL B 510 31.00 24.98 -7.85
C VAL B 510 31.29 23.90 -8.87
N GLN B 511 32.42 24.05 -9.54
CA GLN B 511 32.91 23.07 -10.49
C GLN B 511 33.11 21.76 -9.76
N GLY B 512 32.64 20.67 -10.35
CA GLY B 512 32.56 19.36 -9.69
C GLY B 512 31.21 19.02 -9.02
N SER B 513 30.31 19.98 -8.85
CA SER B 513 29.00 19.68 -8.30
C SER B 513 28.22 18.89 -9.31
N PHE B 514 27.04 18.45 -8.89
CA PHE B 514 26.13 17.71 -9.77
C PHE B 514 25.04 18.60 -10.37
N ASN B 515 25.19 19.92 -10.29
CA ASN B 515 24.20 20.84 -10.84
C ASN B 515 24.53 21.10 -12.31
N PHE B 516 24.29 20.09 -13.13
CA PHE B 516 24.72 20.15 -14.51
C PHE B 516 23.97 21.21 -15.32
N ALA B 517 22.74 21.52 -14.96
CA ALA B 517 21.98 22.57 -15.70
C ALA B 517 22.27 23.98 -15.26
N GLY B 518 22.92 24.12 -14.10
CA GLY B 518 23.19 25.42 -13.51
C GLY B 518 21.94 26.06 -12.97
N VAL B 519 21.11 25.26 -12.29
CA VAL B 519 19.96 25.80 -11.64
C VAL B 519 20.38 26.72 -10.47
N ALA B 520 19.75 27.90 -10.38
CA ALA B 520 19.91 28.82 -9.24
C ALA B 520 18.64 29.66 -9.14
N ASP B 521 17.70 29.17 -8.35
CA ASP B 521 16.38 29.80 -8.23
C ASP B 521 16.00 29.74 -6.76
N PRO B 522 15.69 30.90 -6.18
CA PRO B 522 15.29 30.89 -4.76
C PRO B 522 14.08 29.97 -4.50
N ALA B 523 13.23 29.73 -5.49
CA ALA B 523 12.11 28.79 -5.29
C ALA B 523 12.60 27.35 -5.12
N VAL B 524 13.57 26.93 -5.93
CA VAL B 524 14.16 25.60 -5.81
C VAL B 524 14.77 25.47 -4.41
N ASP B 525 15.59 26.44 -4.00
CA ASP B 525 16.24 26.40 -2.68
C ASP B 525 15.17 26.29 -1.57
N ALA B 526 14.09 27.04 -1.69
CA ALA B 526 13.05 27.03 -0.67
C ALA B 526 12.33 25.67 -0.59
N MET B 527 12.12 25.01 -1.73
CA MET B 527 11.49 23.71 -1.72
C MET B 527 12.43 22.64 -1.11
N ILE B 528 13.73 22.72 -1.35
CA ILE B 528 14.68 21.82 -0.69
C ILE B 528 14.66 22.07 0.86
N GLU B 529 14.64 23.34 1.27
CA GLU B 529 14.51 23.67 2.72
C GLU B 529 13.25 23.06 3.29
N ALA B 530 12.15 23.16 2.54
CA ALA B 530 10.87 22.64 2.99
C ALA B 530 10.87 21.13 3.11
N LEU B 531 11.43 20.41 2.15
CA LEU B 531 11.42 18.95 2.28
C LEU B 531 12.32 18.49 3.42
N LEU B 532 13.39 19.23 3.67
CA LEU B 532 14.26 18.90 4.80
C LEU B 532 13.63 19.29 6.12
N ALA B 533 12.78 20.31 6.16
CA ALA B 533 12.12 20.73 7.40
C ALA B 533 10.92 19.84 7.74
N ALA B 534 10.38 19.11 6.76
CA ALA B 534 9.18 18.29 6.96
C ALA B 534 9.37 17.25 8.04
N ARG B 535 8.41 17.16 8.94
CA ARG B 535 8.46 16.21 10.05
C ARG B 535 7.38 15.14 9.99
N ASN B 536 6.50 15.21 9.00
CA ASN B 536 5.58 14.10 8.78
C ASN B 536 5.52 13.80 7.28
N ARG B 537 5.06 12.61 6.93
CA ARG B 537 5.13 12.11 5.55
C ARG B 537 4.26 12.97 4.61
N ALA B 538 3.15 13.52 5.08
CA ALA B 538 2.29 14.35 4.23
C ALA B 538 2.96 15.67 3.78
N ASP B 539 3.48 16.43 4.75
CA ASP B 539 4.24 17.61 4.47
C ASP B 539 5.45 17.32 3.60
N PHE B 540 6.11 16.19 3.81
CA PHE B 540 7.24 15.81 2.99
C PHE B 540 6.84 15.54 1.54
N VAL B 541 5.83 14.71 1.33
CA VAL B 541 5.32 14.46 0.00
C VAL B 541 4.96 15.79 -0.70
N SER B 542 4.29 16.68 0.02
CA SER B 542 3.88 17.92 -0.56
C SER B 542 5.12 18.74 -1.00
N ALA B 543 6.14 18.80 -0.14
CA ALA B 543 7.31 19.59 -0.42
C ALA B 543 8.12 19.03 -1.60
N VAL B 544 8.23 17.71 -1.69
CA VAL B 544 8.92 17.09 -2.81
C VAL B 544 8.16 17.28 -4.14
N ARG B 545 6.85 17.13 -4.12
CA ARG B 545 6.06 17.40 -5.30
C ARG B 545 6.24 18.86 -5.77
N ALA B 546 6.31 19.80 -4.83
CA ALA B 546 6.52 21.20 -5.18
C ALA B 546 7.87 21.37 -5.86
N LEU B 547 8.91 20.74 -5.30
CA LEU B 547 10.22 20.77 -5.93
C LEU B 547 10.11 20.25 -7.37
N ASP B 548 9.44 19.12 -7.54
CA ASP B 548 9.27 18.52 -8.83
C ASP B 548 8.66 19.56 -9.80
N ARG B 549 7.63 20.26 -9.33
CA ARG B 549 6.92 21.18 -10.17
C ARG B 549 7.83 22.29 -10.67
N VAL B 550 8.64 22.81 -9.77
CA VAL B 550 9.54 23.89 -10.11
C VAL B 550 10.58 23.44 -11.13
N LEU B 551 11.12 22.23 -10.94
CA LEU B 551 12.15 21.72 -11.80
C LEU B 551 11.59 21.45 -13.19
N ILE B 552 10.43 20.81 -13.24
CA ILE B 552 9.79 20.55 -14.53
C ILE B 552 9.52 21.88 -15.27
N SER B 553 9.06 22.89 -14.53
CA SER B 553 8.70 24.16 -15.08
C SER B 553 9.88 24.95 -15.63
N GLY B 554 11.09 24.61 -15.22
CA GLY B 554 12.28 25.29 -15.70
C GLY B 554 12.87 24.67 -16.93
N ASP B 555 12.36 23.49 -17.36
CA ASP B 555 12.93 22.76 -18.49
C ASP B 555 14.47 22.73 -18.43
N TYR B 556 14.97 22.26 -17.30
CA TYR B 556 16.39 22.03 -17.15
C TYR B 556 16.83 20.73 -17.82
N TYR B 557 15.97 19.72 -17.81
CA TYR B 557 16.15 18.46 -18.49
C TYR B 557 15.08 18.34 -19.55
N VAL B 558 15.36 17.57 -20.59
CA VAL B 558 14.37 17.01 -21.48
C VAL B 558 14.27 15.56 -21.04
N PRO B 559 13.21 15.22 -20.29
CA PRO B 559 13.15 13.89 -19.70
C PRO B 559 12.93 12.81 -20.78
N LEU B 560 13.66 11.69 -20.70
CA LEU B 560 13.65 10.69 -21.76
C LEU B 560 12.77 9.54 -21.35
N TYR B 561 13.34 8.44 -20.85
CA TYR B 561 12.58 7.20 -20.71
C TYR B 561 13.25 6.23 -19.76
N HIS B 562 12.49 5.21 -19.38
CA HIS B 562 12.91 4.25 -18.37
C HIS B 562 12.17 2.94 -18.64
N LEU B 563 12.64 1.86 -18.00
CA LEU B 563 11.96 0.56 -18.05
C LEU B 563 11.00 0.49 -16.86
N PRO B 564 9.72 0.35 -17.11
CA PRO B 564 8.80 0.33 -16.00
C PRO B 564 8.72 -0.97 -15.16
N TYR B 565 9.20 -2.10 -15.64
CA TYR B 565 9.05 -3.37 -14.90
C TYR B 565 10.36 -3.95 -14.50
N GLN B 566 10.36 -4.76 -13.44
CA GLN B 566 11.51 -5.58 -13.03
CA GLN B 566 11.55 -5.53 -13.17
C GLN B 566 11.28 -6.99 -13.57
N TRP B 567 12.33 -7.66 -14.01
CA TRP B 567 12.18 -8.96 -14.64
C TRP B 567 13.10 -10.00 -14.03
N VAL B 568 12.53 -11.10 -13.56
CA VAL B 568 13.35 -12.23 -13.04
C VAL B 568 12.82 -13.53 -13.60
N ALA B 569 13.71 -14.32 -14.23
CA ALA B 569 13.34 -15.66 -14.66
C ALA B 569 13.82 -16.64 -13.60
N ARG B 570 13.08 -17.73 -13.40
CA ARG B 570 13.48 -18.68 -12.39
C ARG B 570 13.09 -20.12 -12.75
N TRP B 571 13.95 -21.08 -12.38
CA TRP B 571 13.53 -22.50 -12.33
C TRP B 571 12.44 -22.69 -11.28
N ASP B 572 11.48 -23.58 -11.57
CA ASP B 572 10.27 -23.64 -10.76
C ASP B 572 10.49 -24.27 -9.38
N ARG B 573 11.68 -24.76 -9.13
CA ARG B 573 12.08 -25.15 -7.77
C ARG B 573 12.31 -23.96 -6.82
N ILE B 574 12.29 -22.74 -7.35
CA ILE B 574 12.41 -21.52 -6.54
C ILE B 574 11.06 -20.81 -6.52
N GLU B 575 10.58 -20.45 -5.33
CA GLU B 575 9.32 -19.75 -5.18
C GLU B 575 9.45 -18.47 -4.37
N HIS B 576 8.42 -17.63 -4.43
CA HIS B 576 8.40 -16.35 -3.71
C HIS B 576 6.98 -16.02 -3.26
N PRO B 577 6.85 -15.13 -2.28
CA PRO B 577 5.50 -14.72 -1.88
C PRO B 577 4.74 -14.07 -3.02
N GLN B 578 3.42 -14.23 -3.03
CA GLN B 578 2.53 -13.55 -4.01
C GLN B 578 2.71 -12.04 -3.90
N LYS B 579 2.72 -11.52 -2.66
CA LYS B 579 2.94 -10.10 -2.42
C LYS B 579 4.35 -9.67 -2.78
N THR B 580 4.38 -8.52 -3.44
CA THR B 580 5.60 -7.81 -3.77
C THR B 580 5.51 -6.45 -3.12
N PRO B 581 6.50 -6.09 -2.30
CA PRO B 581 6.37 -4.84 -1.58
C PRO B 581 6.75 -3.59 -2.44
N LEU B 582 6.61 -2.42 -1.81
CA LEU B 582 6.92 -1.11 -2.41
C LEU B 582 8.26 -1.05 -3.15
N SER B 583 9.30 -1.68 -2.59
CA SER B 583 10.60 -1.65 -3.21
C SER B 583 10.80 -2.66 -4.35
N GLY B 584 9.82 -3.51 -4.64
CA GLY B 584 9.96 -4.50 -5.71
C GLY B 584 10.32 -5.87 -5.14
N TYR B 585 10.74 -6.81 -5.97
CA TYR B 585 10.96 -8.19 -5.50
C TYR B 585 12.06 -8.24 -4.44
N GLN B 586 11.96 -9.18 -3.54
CA GLN B 586 12.93 -9.28 -2.42
C GLN B 586 13.41 -10.71 -2.31
N LEU B 587 14.59 -10.99 -2.86
CA LEU B 587 15.15 -12.33 -2.91
C LEU B 587 15.29 -12.99 -1.54
N PRO B 588 15.60 -12.21 -0.50
CA PRO B 588 15.74 -12.80 0.83
C PRO B 588 14.44 -13.42 1.37
N ALA B 589 13.30 -13.09 0.78
CA ALA B 589 12.03 -13.71 1.11
C ALA B 589 11.68 -14.92 0.23
N TRP B 590 12.54 -15.27 -0.73
CA TRP B 590 12.26 -16.41 -1.62
C TRP B 590 12.72 -17.71 -0.95
N TRP B 591 12.28 -18.83 -1.51
CA TRP B 591 12.56 -20.16 -0.93
C TRP B 591 12.66 -21.23 -2.02
N HIS B 592 13.06 -22.43 -1.57
CA HIS B 592 13.14 -23.60 -2.41
C HIS B 592 11.92 -24.47 -2.16
N THR B 593 11.32 -24.99 -3.21
CA THR B 593 10.15 -25.85 -3.02
C THR B 593 10.57 -27.09 -2.25
N SER B 594 9.63 -27.66 -1.50
CA SER B 594 9.82 -28.89 -0.73
C SER B 594 8.94 -29.96 -1.33
#